data_1CNO
#
_entry.id   1CNO
#
_cell.length_a   121.800
_cell.length_b   121.800
_cell.length_c   136.100
_cell.angle_alpha   90.00
_cell.angle_beta   90.00
_cell.angle_gamma   120.00
#
_symmetry.space_group_name_H-M   'P 31 1 2'
#
loop_
_entity.id
_entity.type
_entity.pdbx_description
1 polymer 'CYTOCHROME C552'
2 non-polymer 'HEME C'
3 non-polymer GLYCEROL
4 water water
#
_entity_poly.entity_id   1
_entity_poly.type   'polypeptide(L)'
_entity_poly.pdbx_seq_one_letter_code
;AGDIEAGKAKAAVCAACHGQNGISQVPIYPNLAGQKEQYLVAALKAYKAGQRQGGQAPVMQGQATALSDADIANLAAYYA
SNPAAAA
;
_entity_poly.pdbx_strand_id   A,B,C,D,E,F,G,H
#
loop_
_chem_comp.id
_chem_comp.type
_chem_comp.name
_chem_comp.formula
GOL non-polymer GLYCEROL 'C3 H8 O3'
HEC non-polymer 'HEME C' 'C34 H34 Fe N4 O4'
#
# COMPACT_ATOMS: atom_id res chain seq x y z
N ALA A 1 30.21 6.78 -0.72
CA ALA A 1 30.31 8.14 -1.33
C ALA A 1 28.94 8.69 -1.72
N GLY A 2 28.51 9.67 -0.95
CA GLY A 2 27.26 10.35 -1.21
C GLY A 2 27.65 11.81 -1.27
N ASP A 3 26.98 12.58 -2.12
CA ASP A 3 27.27 14.00 -2.24
C ASP A 3 26.34 14.72 -1.28
N ILE A 4 26.91 15.35 -0.25
CA ILE A 4 26.14 16.10 0.75
C ILE A 4 25.25 17.18 0.13
N GLU A 5 25.83 17.96 -0.78
CA GLU A 5 25.14 19.04 -1.48
C GLU A 5 23.94 18.56 -2.30
N ALA A 6 24.15 17.53 -3.12
CA ALA A 6 23.09 16.94 -3.93
C ALA A 6 22.03 16.37 -2.98
N GLY A 7 22.52 15.77 -1.88
CA GLY A 7 21.62 15.21 -0.88
C GLY A 7 20.79 16.31 -0.26
N LYS A 8 21.44 17.43 0.07
CA LYS A 8 20.71 18.55 0.68
C LYS A 8 19.59 19.05 -0.25
N ALA A 9 19.89 19.14 -1.54
CA ALA A 9 18.91 19.57 -2.52
C ALA A 9 17.76 18.54 -2.67
N LYS A 10 18.10 17.26 -2.73
CA LYS A 10 17.09 16.22 -2.84
C LYS A 10 16.18 16.18 -1.60
N ALA A 11 16.74 16.58 -0.45
CA ALA A 11 16.06 16.58 0.84
C ALA A 11 14.83 17.45 1.00
N ALA A 12 14.60 18.38 0.07
CA ALA A 12 13.42 19.25 0.16
C ALA A 12 12.10 18.48 0.15
N VAL A 13 12.08 17.29 -0.44
CA VAL A 13 10.85 16.49 -0.47
C VAL A 13 10.73 15.60 0.80
N CYS A 14 11.76 15.66 1.64
CA CYS A 14 11.85 14.90 2.89
C CYS A 14 11.51 15.75 4.12
N ALA A 15 11.93 17.02 4.07
CA ALA A 15 11.80 17.99 5.14
C ALA A 15 10.45 18.20 5.80
N ALA A 16 9.39 18.06 5.01
CA ALA A 16 8.03 18.24 5.53
C ALA A 16 7.75 17.28 6.68
N CYS A 17 8.34 16.09 6.60
CA CYS A 17 8.14 15.09 7.63
C CYS A 17 9.28 14.93 8.63
N HIS A 18 10.51 14.91 8.10
CA HIS A 18 11.70 14.73 8.92
C HIS A 18 12.34 16.03 9.43
N GLY A 19 11.70 17.15 9.15
CA GLY A 19 12.21 18.44 9.58
C GLY A 19 13.29 19.00 8.67
N GLN A 20 13.41 20.32 8.65
CA GLN A 20 14.42 20.98 7.82
C GLN A 20 15.84 20.66 8.28
N ASN A 21 15.98 20.39 9.58
CA ASN A 21 17.28 20.10 10.16
C ASN A 21 17.47 18.61 10.51
N GLY A 22 16.57 17.75 10.01
CA GLY A 22 16.69 16.33 10.30
C GLY A 22 16.05 15.93 11.62
N ILE A 23 15.47 16.90 12.33
CA ILE A 23 14.77 16.63 13.59
C ILE A 23 13.30 16.87 13.27
N SER A 24 12.45 15.87 13.51
CA SER A 24 11.03 16.02 13.19
C SER A 24 10.22 16.64 14.32
N GLN A 25 8.99 17.05 14.01
CA GLN A 25 8.08 17.61 14.99
C GLN A 25 7.02 16.55 15.29
N VAL A 26 6.69 15.74 14.29
CA VAL A 26 5.72 14.67 14.42
C VAL A 26 6.40 13.50 15.16
N PRO A 27 5.88 13.12 16.34
CA PRO A 27 6.42 12.04 17.18
C PRO A 27 6.49 10.62 16.62
N ILE A 28 5.90 10.38 15.45
CA ILE A 28 5.94 9.06 14.83
C ILE A 28 6.89 9.08 13.64
N TYR A 29 7.42 10.27 13.32
CA TYR A 29 8.37 10.40 12.23
C TYR A 29 9.75 10.49 12.89
N PRO A 30 10.66 9.57 12.55
CA PRO A 30 12.00 9.57 13.15
C PRO A 30 12.94 10.72 12.78
N ASN A 31 13.83 11.05 13.72
CA ASN A 31 14.87 12.05 13.50
C ASN A 31 15.92 11.34 12.65
N LEU A 32 16.49 12.07 11.68
CA LEU A 32 17.53 11.55 10.80
C LEU A 32 18.90 12.21 11.01
N ALA A 33 18.91 13.41 11.58
CA ALA A 33 20.15 14.16 11.78
C ALA A 33 21.25 13.47 12.59
N GLY A 34 22.44 13.35 11.98
CA GLY A 34 23.57 12.75 12.63
C GLY A 34 23.50 11.24 12.79
N GLN A 35 22.55 10.60 12.12
CA GLN A 35 22.41 9.15 12.19
C GLN A 35 23.58 8.56 11.40
N LYS A 36 23.94 7.30 11.68
CA LYS A 36 25.03 6.65 10.95
C LYS A 36 24.65 6.60 9.47
N GLU A 37 25.55 7.10 8.63
CA GLU A 37 25.34 7.14 7.18
C GLU A 37 25.05 5.78 6.55
N GLN A 38 25.87 4.78 6.87
CA GLN A 38 25.68 3.43 6.32
C GLN A 38 24.31 2.87 6.71
N TYR A 39 23.86 3.17 7.92
CA TYR A 39 22.56 2.72 8.37
C TYR A 39 21.46 3.43 7.59
N LEU A 40 21.63 4.74 7.38
CA LEU A 40 20.65 5.55 6.62
C LEU A 40 20.46 4.97 5.21
N VAL A 41 21.55 4.53 4.60
CA VAL A 41 21.53 3.92 3.26
C VAL A 41 20.79 2.58 3.35
N ALA A 42 21.10 1.80 4.38
CA ALA A 42 20.46 0.49 4.55
C ALA A 42 18.96 0.59 4.81
N ALA A 43 18.55 1.55 5.65
CA ALA A 43 17.14 1.74 5.96
C ALA A 43 16.35 2.14 4.70
N LEU A 44 16.90 3.10 3.94
CA LEU A 44 16.27 3.57 2.71
C LEU A 44 16.13 2.46 1.66
N LYS A 45 17.18 1.65 1.50
CA LYS A 45 17.11 0.53 0.56
C LYS A 45 16.05 -0.47 0.98
N ALA A 46 15.91 -0.65 2.31
CA ALA A 46 14.92 -1.56 2.86
C ALA A 46 13.48 -1.10 2.53
N TYR A 47 13.19 0.18 2.76
CA TYR A 47 11.88 0.75 2.42
C TYR A 47 11.63 0.63 0.92
N LYS A 48 12.65 0.97 0.14
CA LYS A 48 12.56 0.89 -1.33
C LYS A 48 12.24 -0.52 -1.81
N ALA A 49 12.76 -1.51 -1.08
CA ALA A 49 12.55 -2.91 -1.45
C ALA A 49 11.32 -3.55 -0.80
N GLY A 50 10.54 -2.76 -0.06
CA GLY A 50 9.37 -3.31 0.60
C GLY A 50 9.75 -4.22 1.77
N GLN A 51 10.92 -3.97 2.36
CA GLN A 51 11.38 -4.81 3.46
C GLN A 51 10.99 -4.41 4.87
N ARG A 52 10.35 -3.25 5.01
CA ARG A 52 9.87 -2.83 6.33
C ARG A 52 8.34 -2.78 6.31
N GLN A 53 7.74 -3.51 7.24
CA GLN A 53 6.30 -3.59 7.37
C GLN A 53 5.87 -3.18 8.78
N GLY A 54 4.57 -3.01 8.97
CA GLY A 54 4.04 -2.65 10.27
C GLY A 54 4.03 -1.15 10.56
N GLY A 55 3.10 -0.74 11.42
CA GLY A 55 2.98 0.67 11.81
C GLY A 55 2.86 1.61 10.63
N GLN A 56 3.73 2.61 10.58
CA GLN A 56 3.75 3.61 9.53
C GLN A 56 4.76 3.35 8.42
N ALA A 57 5.36 2.15 8.39
CA ALA A 57 6.32 1.78 7.34
C ALA A 57 5.76 1.95 5.93
N PRO A 58 4.48 1.55 5.69
CA PRO A 58 3.91 1.72 4.34
C PRO A 58 3.99 3.18 3.87
N VAL A 59 3.87 4.13 4.82
CA VAL A 59 3.98 5.56 4.47
C VAL A 59 5.40 5.86 3.96
N MET A 60 6.42 5.40 4.69
CA MET A 60 7.80 5.65 4.24
C MET A 60 8.16 4.83 3.00
N GLN A 61 7.56 3.66 2.85
CA GLN A 61 7.83 2.87 1.66
C GLN A 61 7.39 3.72 0.44
N GLY A 62 6.24 4.39 0.56
CA GLY A 62 5.74 5.21 -0.54
C GLY A 62 6.67 6.36 -0.93
N GLN A 63 7.47 6.82 0.03
CA GLN A 63 8.41 7.91 -0.22
C GLN A 63 9.78 7.44 -0.72
N ALA A 64 10.07 6.14 -0.59
CA ALA A 64 11.36 5.62 -0.99
C ALA A 64 11.49 4.96 -2.37
N THR A 65 10.40 4.41 -2.88
CA THR A 65 10.44 3.70 -4.16
C THR A 65 10.86 4.52 -5.40
N ALA A 66 10.72 5.84 -5.35
CA ALA A 66 11.08 6.70 -6.46
C ALA A 66 12.53 7.17 -6.36
N LEU A 67 13.23 6.72 -5.32
CA LEU A 67 14.62 7.11 -5.09
C LEU A 67 15.60 6.19 -5.81
N SER A 68 16.53 6.78 -6.55
CA SER A 68 17.57 5.99 -7.21
C SER A 68 18.59 5.67 -6.10
N ASP A 69 19.51 4.76 -6.37
CA ASP A 69 20.51 4.41 -5.37
C ASP A 69 21.45 5.59 -5.11
N ALA A 70 21.61 6.45 -6.12
CA ALA A 70 22.45 7.64 -5.97
C ALA A 70 21.74 8.63 -5.04
N ASP A 71 20.43 8.76 -5.18
CA ASP A 71 19.63 9.64 -4.31
C ASP A 71 19.81 9.21 -2.85
N ILE A 72 19.76 7.89 -2.65
CA ILE A 72 19.86 7.27 -1.33
C ILE A 72 21.22 7.54 -0.67
N ALA A 73 22.29 7.43 -1.47
CA ALA A 73 23.65 7.70 -1.02
C ALA A 73 23.79 9.18 -0.68
N ASN A 74 23.27 10.04 -1.54
CA ASN A 74 23.34 11.49 -1.31
C ASN A 74 22.54 11.90 -0.07
N LEU A 75 21.33 11.35 0.07
CA LEU A 75 20.48 11.67 1.22
C LEU A 75 21.12 11.19 2.53
N ALA A 76 21.64 9.96 2.55
CA ALA A 76 22.28 9.45 3.77
C ALA A 76 23.46 10.34 4.15
N ALA A 77 24.29 10.70 3.15
CA ALA A 77 25.46 11.56 3.37
C ALA A 77 25.05 12.89 4.00
N TYR A 78 24.03 13.52 3.42
CA TYR A 78 23.49 14.78 3.91
C TYR A 78 23.00 14.70 5.34
N TYR A 79 22.05 13.79 5.60
CA TYR A 79 21.50 13.63 6.95
C TYR A 79 22.53 13.24 7.99
N ALA A 80 23.45 12.35 7.63
CA ALA A 80 24.51 11.94 8.54
C ALA A 80 25.41 13.12 8.95
N SER A 81 25.57 14.09 8.04
CA SER A 81 26.43 15.27 8.27
C SER A 81 25.81 16.32 9.17
N ASN A 82 24.50 16.27 9.34
CA ASN A 82 23.78 17.22 10.17
C ASN A 82 24.03 16.94 11.66
N PRO A 83 24.04 17.99 12.50
CA PRO A 83 24.27 17.81 13.94
C PRO A 83 23.03 17.15 14.57
N ALA A 84 23.25 16.09 15.33
CA ALA A 84 22.17 15.34 15.98
C ALA A 84 21.26 16.18 16.88
N ALA A 85 21.79 17.31 17.35
CA ALA A 85 21.08 18.22 18.25
C ALA A 85 20.34 19.38 17.55
N ALA A 86 20.83 19.77 16.37
CA ALA A 86 20.30 20.83 15.50
C ALA A 86 21.24 21.99 15.18
N ALA B 1 3.06 4.51 28.78
CA ALA B 1 4.35 5.20 29.10
C ALA B 1 5.40 4.18 29.56
N GLY B 2 6.66 4.61 29.56
CA GLY B 2 7.73 3.71 29.98
C GLY B 2 8.47 4.20 31.20
N ASP B 3 9.12 3.26 31.88
CA ASP B 3 9.90 3.54 33.08
C ASP B 3 11.37 3.70 32.61
N ILE B 4 11.90 4.90 32.71
CA ILE B 4 13.27 5.17 32.30
C ILE B 4 14.34 4.35 33.04
N GLU B 5 14.19 4.24 34.36
CA GLU B 5 15.15 3.47 35.17
C GLU B 5 15.13 2.00 34.76
N ALA B 6 13.93 1.45 34.59
CA ALA B 6 13.75 0.06 34.17
C ALA B 6 14.33 -0.10 32.76
N GLY B 7 14.14 0.93 31.93
CA GLY B 7 14.66 0.91 30.57
C GLY B 7 16.18 0.89 30.56
N LYS B 8 16.79 1.72 31.42
CA LYS B 8 18.25 1.80 31.53
C LYS B 8 18.88 0.44 31.95
N ALA B 9 18.20 -0.27 32.85
CA ALA B 9 18.67 -1.55 33.34
C ALA B 9 18.60 -2.60 32.22
N LYS B 10 17.47 -2.59 31.51
CA LYS B 10 17.25 -3.51 30.42
C LYS B 10 18.20 -3.23 29.24
N ALA B 11 18.61 -1.96 29.11
CA ALA B 11 19.49 -1.53 28.02
C ALA B 11 20.92 -2.06 28.07
N ALA B 12 21.29 -2.73 29.16
CA ALA B 12 22.63 -3.30 29.33
C ALA B 12 22.96 -4.22 28.15
N VAL B 13 21.99 -5.03 27.73
CA VAL B 13 22.20 -5.91 26.60
C VAL B 13 22.34 -5.12 25.28
N CYS B 14 21.59 -4.04 25.17
CA CYS B 14 21.59 -3.19 23.97
C CYS B 14 22.87 -2.41 23.77
N ALA B 15 23.52 -2.04 24.87
CA ALA B 15 24.74 -1.24 24.84
C ALA B 15 25.85 -1.75 23.96
N ALA B 16 26.01 -3.08 23.89
CA ALA B 16 27.05 -3.70 23.08
C ALA B 16 27.03 -3.25 21.61
N CYS B 17 25.85 -2.94 21.10
CA CYS B 17 25.78 -2.52 19.71
C CYS B 17 25.37 -1.06 19.50
N HIS B 18 24.48 -0.56 20.34
CA HIS B 18 24.01 0.82 20.22
C HIS B 18 24.75 1.85 21.09
N GLY B 19 25.79 1.41 21.81
CA GLY B 19 26.56 2.29 22.66
C GLY B 19 26.01 2.45 24.07
N GLN B 20 26.91 2.63 25.04
CA GLN B 20 26.50 2.82 26.43
C GLN B 20 25.65 4.11 26.51
N ASN B 21 25.86 5.02 25.58
CA ASN B 21 25.15 6.29 25.53
C ASN B 21 24.09 6.35 24.41
N GLY B 22 23.77 5.21 23.82
CA GLY B 22 22.78 5.22 22.74
C GLY B 22 23.36 5.69 21.41
N ILE B 23 24.65 6.01 21.40
CA ILE B 23 25.34 6.41 20.19
C ILE B 23 26.24 5.23 19.84
N SER B 24 25.99 4.64 18.69
CA SER B 24 26.75 3.49 18.22
C SER B 24 28.20 3.90 17.93
N GLN B 25 29.10 2.91 17.93
CA GLN B 25 30.49 3.19 17.62
C GLN B 25 30.86 2.51 16.32
N VAL B 26 29.93 1.69 15.81
CA VAL B 26 30.09 0.95 14.57
C VAL B 26 29.14 1.59 13.54
N PRO B 27 29.62 1.84 12.31
CA PRO B 27 28.80 2.46 11.28
C PRO B 27 27.53 1.76 10.79
N ILE B 28 27.41 0.45 10.99
CA ILE B 28 26.20 -0.23 10.54
C ILE B 28 25.08 -0.39 11.58
N TYR B 29 25.37 0.00 12.83
CA TYR B 29 24.38 -0.04 13.90
C TYR B 29 23.84 1.39 14.11
N PRO B 30 22.52 1.55 14.19
CA PRO B 30 21.99 2.92 14.38
C PRO B 30 22.11 3.54 15.78
N ASN B 31 22.18 4.87 15.81
CA ASN B 31 22.18 5.62 17.07
C ASN B 31 20.70 5.58 17.48
N LEU B 32 20.45 5.57 18.79
CA LEU B 32 19.09 5.51 19.32
C LEU B 32 18.82 6.70 20.23
N ALA B 33 19.88 7.25 20.81
CA ALA B 33 19.82 8.37 21.74
C ALA B 33 19.01 9.56 21.25
N GLY B 34 17.99 9.92 22.02
CA GLY B 34 17.17 11.07 21.67
C GLY B 34 16.23 10.87 20.50
N GLN B 35 16.07 9.63 20.04
CA GLN B 35 15.16 9.36 18.92
C GLN B 35 13.74 9.51 19.49
N LYS B 36 12.77 9.83 18.63
CA LYS B 36 11.36 9.95 19.03
C LYS B 36 10.91 8.66 19.71
N GLU B 37 10.42 8.82 20.93
CA GLU B 37 9.95 7.71 21.75
C GLU B 37 8.91 6.82 21.08
N GLN B 38 7.86 7.43 20.52
CA GLN B 38 6.83 6.65 19.85
C GLN B 38 7.42 5.86 18.68
N TYR B 39 8.35 6.46 17.95
CA TYR B 39 8.95 5.75 16.83
C TYR B 39 9.81 4.55 17.32
N LEU B 40 10.53 4.72 18.43
CA LEU B 40 11.35 3.66 19.00
C LEU B 40 10.49 2.46 19.36
N VAL B 41 9.31 2.77 19.93
CA VAL B 41 8.33 1.76 20.31
C VAL B 41 7.84 1.05 19.04
N ALA B 42 7.47 1.81 18.00
CA ALA B 42 6.99 1.19 16.76
C ALA B 42 8.05 0.30 16.10
N ALA B 43 9.30 0.78 16.05
CA ALA B 43 10.40 0.03 15.47
C ALA B 43 10.64 -1.29 16.22
N LEU B 44 10.66 -1.22 17.55
CA LEU B 44 10.88 -2.42 18.38
C LEU B 44 9.78 -3.43 18.15
N LYS B 45 8.53 -2.97 18.12
CA LYS B 45 7.40 -3.87 17.87
C LYS B 45 7.53 -4.54 16.49
N ALA B 46 8.01 -3.79 15.50
CA ALA B 46 8.18 -4.35 14.15
C ALA B 46 9.22 -5.48 14.16
N TYR B 47 10.37 -5.25 14.84
CA TYR B 47 11.41 -6.29 14.91
C TYR B 47 10.86 -7.52 15.62
N LYS B 48 10.17 -7.28 16.73
CA LYS B 48 9.61 -8.34 17.54
C LYS B 48 8.61 -9.16 16.75
N ALA B 49 7.92 -8.50 15.82
CA ALA B 49 6.88 -9.15 15.00
C ALA B 49 7.38 -9.69 13.67
N GLY B 50 8.70 -9.63 13.47
CA GLY B 50 9.31 -10.12 12.24
C GLY B 50 8.92 -9.29 11.04
N GLN B 51 8.66 -8.00 11.25
CA GLN B 51 8.22 -7.12 10.19
C GLN B 51 9.33 -6.31 9.52
N ARG B 52 10.56 -6.48 10.00
CA ARG B 52 11.69 -5.80 9.38
C ARG B 52 12.67 -6.81 8.82
N GLN B 53 12.91 -6.73 7.51
CA GLN B 53 13.84 -7.62 6.82
C GLN B 53 14.93 -6.87 6.06
N GLY B 54 15.90 -7.62 5.55
CA GLY B 54 16.99 -7.00 4.80
C GLY B 54 18.18 -6.56 5.65
N GLY B 55 19.37 -6.55 5.05
CA GLY B 55 20.58 -6.14 5.75
C GLY B 55 20.79 -6.89 7.06
N GLN B 56 20.96 -6.14 8.14
CA GLN B 56 21.18 -6.77 9.43
C GLN B 56 19.93 -6.80 10.30
N ALA B 57 18.76 -6.60 9.69
CA ALA B 57 17.49 -6.62 10.40
C ALA B 57 17.28 -7.93 11.18
N PRO B 58 17.71 -9.09 10.61
CA PRO B 58 17.52 -10.36 11.34
C PRO B 58 18.30 -10.38 12.68
N VAL B 59 19.45 -9.70 12.69
CA VAL B 59 20.26 -9.63 13.91
C VAL B 59 19.47 -8.88 14.99
N MET B 60 18.88 -7.75 14.60
CA MET B 60 18.12 -6.96 15.55
C MET B 60 16.82 -7.65 15.96
N GLN B 61 16.19 -8.37 15.02
CA GLN B 61 14.97 -9.11 15.31
C GLN B 61 15.27 -10.10 16.43
N GLY B 62 16.42 -10.77 16.35
CA GLY B 62 16.82 -11.73 17.37
C GLY B 62 16.93 -11.10 18.75
N GLN B 63 17.16 -9.78 18.77
CA GLN B 63 17.31 -9.01 20.01
C GLN B 63 15.99 -8.42 20.49
N ALA B 64 14.94 -8.59 19.69
CA ALA B 64 13.65 -8.01 20.05
C ALA B 64 12.52 -8.97 20.34
N THR B 65 12.61 -10.18 19.79
CA THR B 65 11.53 -11.15 19.99
C THR B 65 11.23 -11.52 21.45
N ALA B 66 12.25 -11.47 22.31
CA ALA B 66 12.12 -11.82 23.73
C ALA B 66 11.71 -10.66 24.64
N LEU B 67 11.50 -9.48 24.07
CA LEU B 67 11.11 -8.30 24.84
C LEU B 67 9.60 -8.24 25.07
N SER B 68 9.18 -7.91 26.28
CA SER B 68 7.74 -7.76 26.55
C SER B 68 7.37 -6.36 26.02
N ASP B 69 6.07 -6.06 25.94
CA ASP B 69 5.66 -4.75 25.49
C ASP B 69 6.05 -3.68 26.51
N ALA B 70 6.16 -4.08 27.78
CA ALA B 70 6.60 -3.17 28.86
C ALA B 70 8.10 -2.90 28.68
N ASP B 71 8.87 -3.93 28.33
CA ASP B 71 10.32 -3.77 28.09
C ASP B 71 10.47 -2.75 26.96
N ILE B 72 9.70 -2.94 25.90
CA ILE B 72 9.73 -2.05 24.76
C ILE B 72 9.41 -0.61 25.16
N ALA B 73 8.38 -0.43 25.98
CA ALA B 73 7.99 0.91 26.44
C ALA B 73 9.11 1.53 27.28
N ASN B 74 9.69 0.74 28.17
CA ASN B 74 10.76 1.19 29.05
C ASN B 74 12.01 1.57 28.26
N LEU B 75 12.39 0.70 27.33
CA LEU B 75 13.55 0.92 26.50
C LEU B 75 13.42 2.20 25.66
N ALA B 76 12.27 2.41 25.04
CA ALA B 76 12.02 3.61 24.21
C ALA B 76 12.06 4.89 25.04
N ALA B 77 11.48 4.83 26.25
CA ALA B 77 11.47 6.00 27.14
C ALA B 77 12.91 6.32 27.51
N TYR B 78 13.67 5.28 27.82
CA TYR B 78 15.09 5.46 28.17
C TYR B 78 15.90 6.05 27.02
N TYR B 79 15.85 5.42 25.85
CA TYR B 79 16.66 5.95 24.74
C TYR B 79 16.22 7.35 24.28
N ALA B 80 14.91 7.61 24.27
CA ALA B 80 14.39 8.93 23.89
C ALA B 80 14.89 10.01 24.85
N SER B 81 15.01 9.65 26.14
CA SER B 81 15.45 10.59 27.18
C SER B 81 16.93 10.97 27.09
N ASN B 82 17.75 10.19 26.40
CA ASN B 82 19.18 10.49 26.27
C ASN B 82 19.42 11.62 25.26
N PRO B 83 20.46 12.44 25.47
CA PRO B 83 20.75 13.55 24.53
C PRO B 83 21.27 12.96 23.22
N ALA B 84 20.73 13.43 22.10
CA ALA B 84 21.10 12.93 20.77
C ALA B 84 22.59 13.07 20.43
N ALA B 85 23.26 14.04 21.06
CA ALA B 85 24.67 14.31 20.83
C ALA B 85 25.60 13.65 21.85
N ALA B 86 25.08 13.43 23.05
CA ALA B 86 25.79 12.83 24.20
C ALA B 86 26.36 13.89 25.14
N ALA C 1 -13.75 -23.97 15.56
CA ALA C 1 -12.73 -23.48 14.59
C ALA C 1 -13.34 -23.20 13.21
N GLY C 2 -13.90 -22.00 13.06
CA GLY C 2 -14.48 -21.58 11.79
C GLY C 2 -15.74 -22.22 11.25
N ASP C 3 -16.51 -21.42 10.52
CA ASP C 3 -17.74 -21.87 9.89
C ASP C 3 -17.47 -22.10 8.39
N ILE C 4 -17.60 -23.35 7.95
CA ILE C 4 -17.37 -23.74 6.56
C ILE C 4 -18.24 -22.96 5.56
N GLU C 5 -19.53 -22.81 5.86
CA GLU C 5 -20.48 -22.11 5.00
C GLU C 5 -20.15 -20.63 4.83
N ALA C 6 -19.87 -19.94 5.94
CA ALA C 6 -19.50 -18.53 5.91
C ALA C 6 -18.17 -18.39 5.15
N GLY C 7 -17.29 -19.36 5.36
CA GLY C 7 -16.01 -19.36 4.68
C GLY C 7 -16.19 -19.45 3.19
N LYS C 8 -17.10 -20.31 2.72
CA LYS C 8 -17.36 -20.44 1.29
C LYS C 8 -17.86 -19.15 0.65
N ALA C 9 -18.82 -18.50 1.30
CA ALA C 9 -19.36 -17.24 0.80
C ALA C 9 -18.24 -16.20 0.77
N LYS C 10 -17.43 -16.17 1.83
CA LYS C 10 -16.33 -15.23 1.90
C LYS C 10 -15.24 -15.52 0.84
N ALA C 11 -15.07 -16.80 0.48
CA ALA C 11 -14.07 -17.20 -0.50
C ALA C 11 -14.30 -16.73 -1.93
N ALA C 12 -15.48 -16.17 -2.20
CA ALA C 12 -15.83 -15.71 -3.54
C ALA C 12 -14.71 -14.90 -4.20
N VAL C 13 -14.19 -13.94 -3.47
CA VAL C 13 -13.11 -13.05 -3.93
C VAL C 13 -11.72 -13.73 -4.03
N CYS C 14 -11.58 -14.89 -3.41
CA CYS C 14 -10.32 -15.66 -3.41
C CYS C 14 -10.15 -16.52 -4.65
N ALA C 15 -11.27 -17.02 -5.16
CA ALA C 15 -11.31 -17.90 -6.32
C ALA C 15 -10.57 -17.46 -7.57
N ALA C 16 -10.50 -16.15 -7.81
CA ALA C 16 -9.84 -15.62 -9.01
C ALA C 16 -8.39 -16.05 -9.12
N CYS C 17 -7.71 -16.12 -7.97
CA CYS C 17 -6.32 -16.49 -7.97
C CYS C 17 -6.08 -17.90 -7.45
N HIS C 18 -6.97 -18.39 -6.60
CA HIS C 18 -6.80 -19.71 -6.00
C HIS C 18 -7.63 -20.84 -6.60
N GLY C 19 -8.51 -20.51 -7.55
CA GLY C 19 -9.36 -21.51 -8.18
C GLY C 19 -10.66 -21.66 -7.41
N GLN C 20 -11.75 -21.95 -8.13
CA GLN C 20 -13.08 -22.12 -7.52
C GLN C 20 -13.10 -23.31 -6.57
N ASN C 21 -12.20 -24.25 -6.84
CA ASN C 21 -12.09 -25.49 -6.07
C ASN C 21 -10.83 -25.53 -5.16
N GLY C 22 -10.13 -24.40 -5.05
CA GLY C 22 -8.94 -24.36 -4.20
C GLY C 22 -7.68 -24.84 -4.92
N ILE C 23 -7.81 -25.13 -6.21
CA ILE C 23 -6.66 -25.56 -7.01
C ILE C 23 -6.35 -24.38 -7.96
N SER C 24 -5.16 -23.79 -7.80
CA SER C 24 -4.79 -22.65 -8.63
C SER C 24 -4.57 -23.03 -10.10
N GLN C 25 -4.50 -22.00 -10.93
CA GLN C 25 -4.26 -22.17 -12.36
C GLN C 25 -2.85 -21.64 -12.63
N VAL C 26 -2.49 -20.55 -11.97
CA VAL C 26 -1.16 -19.93 -12.11
C VAL C 26 -0.10 -20.81 -11.42
N PRO C 27 0.95 -21.20 -12.16
CA PRO C 27 2.05 -22.06 -11.66
C PRO C 27 2.69 -21.63 -10.34
N ILE C 28 2.78 -20.33 -10.10
CA ILE C 28 3.40 -19.83 -8.89
C ILE C 28 2.44 -19.51 -7.74
N TYR C 29 1.14 -19.74 -7.96
CA TYR C 29 0.13 -19.52 -6.94
C TYR C 29 -0.16 -20.87 -6.30
N PRO C 30 -0.36 -20.89 -4.99
CA PRO C 30 -0.63 -22.15 -4.28
C PRO C 30 -2.05 -22.68 -4.26
N ASN C 31 -2.15 -24.00 -4.18
CA ASN C 31 -3.41 -24.71 -4.03
C ASN C 31 -3.73 -24.57 -2.53
N LEU C 32 -5.00 -24.42 -2.18
CA LEU C 32 -5.41 -24.31 -0.78
C LEU C 32 -6.32 -25.45 -0.35
N ALA C 33 -6.97 -26.11 -1.31
CA ALA C 33 -7.89 -27.21 -1.01
C ALA C 33 -7.27 -28.34 -0.18
N GLY C 34 -7.90 -28.67 0.94
CA GLY C 34 -7.41 -29.74 1.79
C GLY C 34 -6.16 -29.44 2.61
N GLN C 35 -5.70 -28.20 2.58
CA GLN C 35 -4.54 -27.82 3.35
C GLN C 35 -4.94 -27.87 4.84
N LYS C 36 -3.97 -28.14 5.73
CA LYS C 36 -4.24 -28.20 7.18
C LYS C 36 -4.88 -26.89 7.63
N GLU C 37 -6.01 -27.00 8.33
CA GLU C 37 -6.73 -25.83 8.80
C GLU C 37 -5.91 -24.84 9.61
N GLN C 38 -5.21 -25.33 10.63
CA GLN C 38 -4.43 -24.46 11.49
C GLN C 38 -3.31 -23.73 10.75
N TYR C 39 -2.77 -24.38 9.71
CA TYR C 39 -1.71 -23.76 8.92
C TYR C 39 -2.27 -22.60 8.07
N LEU C 40 -3.46 -22.82 7.50
CA LEU C 40 -4.17 -21.82 6.71
C LEU C 40 -4.47 -20.58 7.57
N VAL C 41 -4.77 -20.80 8.84
CA VAL C 41 -5.03 -19.71 9.78
C VAL C 41 -3.71 -18.95 10.01
N ALA C 42 -2.65 -19.71 10.29
CA ALA C 42 -1.32 -19.16 10.54
C ALA C 42 -0.81 -18.36 9.34
N ALA C 43 -0.97 -18.93 8.13
CA ALA C 43 -0.54 -18.27 6.89
C ALA C 43 -1.27 -16.95 6.64
N LEU C 44 -2.60 -16.96 6.78
CA LEU C 44 -3.41 -15.76 6.59
C LEU C 44 -3.04 -14.65 7.58
N LYS C 45 -2.80 -15.02 8.84
CA LYS C 45 -2.40 -14.05 9.86
C LYS C 45 -1.03 -13.48 9.56
N ALA C 46 -0.12 -14.30 9.03
CA ALA C 46 1.22 -13.83 8.68
C ALA C 46 1.09 -12.78 7.56
N TYR C 47 0.29 -13.07 6.53
CA TYR C 47 0.09 -12.09 5.45
C TYR C 47 -0.56 -10.82 6.01
N LYS C 48 -1.56 -10.98 6.87
CA LYS C 48 -2.25 -9.83 7.44
C LYS C 48 -1.30 -8.96 8.28
N ALA C 49 -0.35 -9.61 8.96
CA ALA C 49 0.63 -8.91 9.77
C ALA C 49 1.89 -8.44 9.00
N GLY C 50 1.89 -8.59 7.67
CA GLY C 50 3.06 -8.19 6.90
C GLY C 50 4.33 -9.01 7.22
N GLN C 51 4.13 -10.29 7.55
CA GLN C 51 5.22 -11.19 7.92
C GLN C 51 5.78 -12.06 6.82
N ARG C 52 5.23 -11.93 5.61
CA ARG C 52 5.72 -12.69 4.47
C ARG C 52 6.13 -11.74 3.35
N GLN C 53 7.40 -11.84 2.96
CA GLN C 53 7.96 -11.00 1.89
C GLN C 53 8.54 -11.86 0.77
N GLY C 54 9.02 -11.22 -0.30
CA GLY C 54 9.60 -11.96 -1.41
C GLY C 54 8.59 -12.38 -2.46
N GLY C 55 9.01 -12.35 -3.73
CA GLY C 55 8.12 -12.71 -4.83
C GLY C 55 6.80 -11.95 -4.81
N GLN C 56 5.70 -12.70 -4.85
CA GLN C 56 4.37 -12.10 -4.83
C GLN C 56 3.67 -12.12 -3.47
N ALA C 57 4.43 -12.35 -2.40
CA ALA C 57 3.88 -12.31 -1.03
C ALA C 57 3.12 -10.98 -0.77
N PRO C 58 3.67 -9.82 -1.20
CA PRO C 58 2.99 -8.53 -0.98
C PRO C 58 1.60 -8.52 -1.65
N VAL C 59 1.47 -9.24 -2.77
CA VAL C 59 0.20 -9.35 -3.51
C VAL C 59 -0.84 -9.99 -2.60
N MET C 60 -0.45 -11.12 -2.00
CA MET C 60 -1.33 -11.83 -1.09
C MET C 60 -1.57 -11.00 0.16
N GLN C 61 -0.54 -10.28 0.63
CA GLN C 61 -0.67 -9.43 1.82
C GLN C 61 -1.82 -8.44 1.60
N GLY C 62 -1.89 -7.90 0.38
CA GLY C 62 -2.95 -6.97 0.04
C GLY C 62 -4.36 -7.55 0.14
N GLN C 63 -4.48 -8.87 0.08
CA GLN C 63 -5.79 -9.55 0.15
C GLN C 63 -6.14 -9.93 1.58
N ALA C 64 -5.13 -9.96 2.46
CA ALA C 64 -5.31 -10.36 3.85
C ALA C 64 -5.57 -9.29 4.90
N THR C 65 -5.02 -8.08 4.69
CA THR C 65 -5.19 -7.00 5.66
C THR C 65 -6.62 -6.61 6.04
N ALA C 66 -7.56 -6.84 5.13
CA ALA C 66 -8.97 -6.52 5.32
C ALA C 66 -9.74 -7.66 6.01
N LEU C 67 -9.10 -8.81 6.15
CA LEU C 67 -9.76 -9.96 6.76
C LEU C 67 -9.74 -9.91 8.29
N SER C 68 -10.89 -10.15 8.91
CA SER C 68 -10.93 -10.17 10.37
C SER C 68 -10.46 -11.58 10.77
N ASP C 69 -10.15 -11.78 12.05
CA ASP C 69 -9.71 -13.09 12.50
C ASP C 69 -10.82 -14.15 12.35
N ALA C 70 -12.07 -13.70 12.43
CA ALA C 70 -13.23 -14.59 12.26
C ALA C 70 -13.29 -15.00 10.78
N ASP C 71 -13.08 -14.04 9.87
CA ASP C 71 -13.05 -14.31 8.43
C ASP C 71 -11.97 -15.36 8.17
N ILE C 72 -10.77 -15.13 8.71
CA ILE C 72 -9.65 -16.03 8.56
C ILE C 72 -10.00 -17.45 9.02
N ALA C 73 -10.64 -17.55 10.19
CA ALA C 73 -11.04 -18.86 10.74
C ALA C 73 -12.04 -19.53 9.81
N ASN C 74 -12.98 -18.74 9.29
CA ASN C 74 -13.99 -19.27 8.37
C ASN C 74 -13.37 -19.72 7.05
N LEU C 75 -12.52 -18.87 6.45
CA LEU C 75 -11.85 -19.22 5.19
C LEU C 75 -11.00 -20.48 5.33
N ALA C 76 -10.28 -20.60 6.45
CA ALA C 76 -9.44 -21.76 6.70
C ALA C 76 -10.27 -23.03 6.82
N ALA C 77 -11.40 -22.94 7.52
CA ALA C 77 -12.30 -24.08 7.69
C ALA C 77 -12.84 -24.52 6.34
N TYR C 78 -13.25 -23.54 5.52
CA TYR C 78 -13.76 -23.83 4.18
C TYR C 78 -12.72 -24.55 3.26
N TYR C 79 -11.55 -23.93 3.05
CA TYR C 79 -10.55 -24.53 2.18
C TYR C 79 -10.04 -25.90 2.68
N ALA C 80 -9.85 -26.02 4.00
CA ALA C 80 -9.41 -27.29 4.59
C ALA C 80 -10.44 -28.40 4.32
N SER C 81 -11.72 -28.03 4.28
CA SER C 81 -12.79 -29.02 4.05
C SER C 81 -12.88 -29.51 2.59
N ASN C 82 -12.24 -28.79 1.67
CA ASN C 82 -12.24 -29.16 0.23
C ASN C 82 -11.27 -30.32 -0.04
N PRO C 83 -11.62 -31.24 -0.97
CA PRO C 83 -10.72 -32.37 -1.28
C PRO C 83 -9.47 -31.84 -1.96
N ALA C 84 -8.29 -32.23 -1.46
CA ALA C 84 -7.01 -31.75 -2.02
C ALA C 84 -6.85 -31.98 -3.52
N ALA C 85 -7.73 -32.82 -4.09
CA ALA C 85 -7.69 -33.17 -5.51
C ALA C 85 -8.80 -32.61 -6.41
N ALA C 86 -9.95 -32.29 -5.81
CA ALA C 86 -11.13 -31.76 -6.50
C ALA C 86 -11.95 -32.86 -7.18
N ALA D 1 12.66 -27.07 -13.66
CA ALA D 1 13.57 -28.22 -13.98
C ALA D 1 14.26 -28.78 -12.73
N GLY D 2 13.57 -29.67 -12.04
CA GLY D 2 14.15 -30.29 -10.86
C GLY D 2 14.18 -31.79 -11.12
N ASP D 3 14.93 -32.53 -10.31
CA ASP D 3 15.00 -33.97 -10.46
C ASP D 3 14.17 -34.63 -9.36
N ILE D 4 13.10 -35.32 -9.77
CA ILE D 4 12.21 -36.01 -8.81
C ILE D 4 12.90 -37.03 -7.89
N GLU D 5 13.77 -37.83 -8.48
CA GLU D 5 14.50 -38.88 -7.76
C GLU D 5 15.44 -38.27 -6.72
N ALA D 6 16.17 -37.23 -7.14
CA ALA D 6 17.09 -36.55 -6.22
C ALA D 6 16.27 -35.86 -5.13
N GLY D 7 15.11 -35.34 -5.50
CA GLY D 7 14.25 -34.69 -4.52
C GLY D 7 13.68 -35.67 -3.51
N LYS D 8 13.35 -36.87 -3.96
CA LYS D 8 12.79 -37.91 -3.07
C LYS D 8 13.81 -38.29 -2.01
N ALA D 9 15.04 -38.52 -2.47
CA ALA D 9 16.15 -38.90 -1.61
C ALA D 9 16.43 -37.80 -0.60
N LYS D 10 16.53 -36.56 -1.10
CA LYS D 10 16.79 -35.40 -0.28
C LYS D 10 15.69 -35.20 0.77
N ALA D 11 14.44 -35.49 0.37
CA ALA D 11 13.28 -35.32 1.25
C ALA D 11 13.26 -36.20 2.51
N ALA D 12 14.20 -37.14 2.62
CA ALA D 12 14.27 -38.01 3.80
C ALA D 12 14.39 -37.11 5.03
N VAL D 13 15.05 -35.96 4.83
CA VAL D 13 15.28 -34.97 5.89
C VAL D 13 14.04 -34.09 6.15
N CYS D 14 13.02 -34.24 5.31
CA CYS D 14 11.78 -33.46 5.41
C CYS D 14 10.60 -34.24 5.96
N ALA D 15 10.61 -35.55 5.70
CA ALA D 15 9.52 -36.45 6.05
C ALA D 15 9.01 -36.43 7.51
N ALA D 16 9.89 -36.27 8.47
CA ALA D 16 9.51 -36.27 9.89
C ALA D 16 8.39 -35.26 10.20
N CYS D 17 8.33 -34.17 9.43
CA CYS D 17 7.31 -33.15 9.63
C CYS D 17 6.24 -33.11 8.55
N HIS D 18 6.66 -33.16 7.30
CA HIS D 18 5.70 -33.09 6.19
C HIS D 18 5.11 -34.44 5.75
N GLY D 19 5.53 -35.52 6.42
CA GLY D 19 5.03 -36.85 6.09
C GLY D 19 5.76 -37.53 4.93
N GLN D 20 5.89 -38.86 5.02
CA GLN D 20 6.57 -39.63 3.98
C GLN D 20 5.93 -39.46 2.62
N ASN D 21 4.67 -39.05 2.63
CA ASN D 21 3.94 -38.81 1.40
C ASN D 21 3.48 -37.35 1.22
N GLY D 22 4.15 -36.39 1.86
CA GLY D 22 3.75 -35.00 1.69
C GLY D 22 2.50 -34.55 2.42
N ILE D 23 1.90 -35.46 3.19
CA ILE D 23 0.72 -35.13 4.00
C ILE D 23 1.20 -35.19 5.43
N SER D 24 1.18 -34.06 6.11
CA SER D 24 1.61 -34.03 7.49
C SER D 24 0.64 -34.76 8.42
N GLN D 25 1.13 -35.20 9.57
CA GLN D 25 0.30 -35.90 10.56
C GLN D 25 0.00 -34.96 11.73
N VAL D 26 0.68 -33.82 11.73
CA VAL D 26 0.55 -32.78 12.74
C VAL D 26 -0.17 -31.58 12.08
N PRO D 27 -1.25 -31.05 12.70
CA PRO D 27 -2.03 -29.92 12.17
C PRO D 27 -1.25 -28.63 11.91
N ILE D 28 -0.18 -28.42 12.66
CA ILE D 28 0.61 -27.20 12.55
C ILE D 28 1.58 -27.19 11.35
N TYR D 29 1.93 -28.38 10.85
CA TYR D 29 2.80 -28.53 9.68
C TYR D 29 1.92 -28.67 8.43
N PRO D 30 2.27 -27.97 7.36
CA PRO D 30 1.50 -28.05 6.13
C PRO D 30 1.77 -29.25 5.22
N ASN D 31 0.77 -29.59 4.42
CA ASN D 31 0.86 -30.64 3.42
C ASN D 31 1.58 -30.03 2.21
N LEU D 32 2.38 -30.84 1.55
CA LEU D 32 3.13 -30.41 0.37
C LEU D 32 2.76 -31.27 -0.85
N ALA D 33 2.20 -32.44 -0.62
CA ALA D 33 1.85 -33.34 -1.71
C ALA D 33 0.98 -32.70 -2.80
N GLY D 34 1.47 -32.78 -4.04
CA GLY D 34 0.72 -32.24 -5.16
C GLY D 34 0.63 -30.72 -5.28
N GLN D 35 1.28 -30.00 -4.37
CA GLN D 35 1.28 -28.54 -4.43
C GLN D 35 1.98 -28.14 -5.74
N LYS D 36 1.69 -26.93 -6.22
CA LYS D 36 2.30 -26.39 -7.45
C LYS D 36 3.81 -26.36 -7.30
N GLU D 37 4.49 -26.92 -8.29
CA GLU D 37 5.94 -26.99 -8.31
C GLU D 37 6.69 -25.66 -8.21
N GLN D 38 6.29 -24.66 -9.01
CA GLN D 38 6.93 -23.36 -9.01
C GLN D 38 6.67 -22.61 -7.71
N TYR D 39 5.48 -22.85 -7.13
CA TYR D 39 5.21 -22.19 -5.84
C TYR D 39 6.09 -22.81 -4.74
N LEU D 40 6.32 -24.13 -4.84
CA LEU D 40 7.16 -24.82 -3.85
C LEU D 40 8.58 -24.24 -3.91
N VAL D 41 9.06 -23.93 -5.12
CA VAL D 41 10.39 -23.34 -5.29
C VAL D 41 10.42 -21.95 -4.65
N ALA D 42 9.39 -21.13 -4.92
CA ALA D 42 9.32 -19.78 -4.37
C ALA D 42 9.26 -19.77 -2.84
N ALA D 43 8.39 -20.61 -2.26
CA ALA D 43 8.24 -20.70 -0.79
C ALA D 43 9.58 -21.10 -0.14
N LEU D 44 10.22 -22.15 -0.66
CA LEU D 44 11.52 -22.60 -0.16
C LEU D 44 12.57 -21.50 -0.28
N LYS D 45 12.60 -20.79 -1.42
CA LYS D 45 13.56 -19.69 -1.58
C LYS D 45 13.28 -18.61 -0.54
N ALA D 46 12.00 -18.38 -0.25
CA ALA D 46 11.57 -17.39 0.74
C ALA D 46 12.08 -17.77 2.15
N TYR D 47 11.86 -19.00 2.59
CA TYR D 47 12.36 -19.42 3.92
C TYR D 47 13.88 -19.30 3.97
N LYS D 48 14.54 -19.76 2.91
CA LYS D 48 15.99 -19.71 2.82
C LYS D 48 16.50 -18.27 2.94
N ALA D 49 15.75 -17.32 2.37
CA ALA D 49 16.11 -15.89 2.39
C ALA D 49 15.67 -15.15 3.64
N GLY D 50 15.03 -15.84 4.59
CA GLY D 50 14.57 -15.17 5.80
C GLY D 50 13.30 -14.34 5.58
N GLN D 51 12.60 -14.61 4.48
CA GLN D 51 11.39 -13.87 4.12
C GLN D 51 10.04 -14.18 4.74
N ARG D 52 9.94 -15.30 5.47
CA ARG D 52 8.69 -15.69 6.11
C ARG D 52 8.86 -15.72 7.64
N GLN D 53 8.05 -14.91 8.31
CA GLN D 53 8.07 -14.75 9.76
C GLN D 53 6.70 -15.01 10.38
N GLY D 54 6.63 -14.97 11.70
CA GLY D 54 5.37 -15.23 12.37
C GLY D 54 5.13 -16.71 12.63
N GLY D 55 4.44 -17.01 13.73
CA GLY D 55 4.13 -18.38 14.10
C GLY D 55 5.33 -19.32 14.09
N GLN D 56 5.20 -20.39 13.34
CA GLN D 56 6.26 -21.39 13.23
C GLN D 56 7.16 -21.23 12.00
N ALA D 57 7.04 -20.10 11.31
CA ALA D 57 7.87 -19.87 10.13
C ALA D 57 9.37 -20.00 10.44
N PRO D 58 9.83 -19.48 11.61
CA PRO D 58 11.26 -19.59 11.96
C PRO D 58 11.73 -21.05 12.02
N VAL D 59 10.82 -21.96 12.39
CA VAL D 59 11.16 -23.38 12.45
C VAL D 59 11.53 -23.85 11.01
N MET D 60 10.65 -23.55 10.04
CA MET D 60 10.90 -23.94 8.65
C MET D 60 12.11 -23.21 8.05
N GLN D 61 12.36 -21.97 8.44
CA GLN D 61 13.53 -21.23 7.94
C GLN D 61 14.79 -22.03 8.33
N GLY D 62 14.82 -22.56 9.55
CA GLY D 62 15.97 -23.36 9.99
C GLY D 62 16.20 -24.60 9.14
N GLN D 63 15.16 -25.06 8.44
CA GLN D 63 15.27 -26.25 7.60
C GLN D 63 15.64 -25.92 6.16
N ALA D 64 15.56 -24.64 5.81
CA ALA D 64 15.82 -24.23 4.43
C ALA D 64 17.12 -23.51 4.11
N THR D 65 17.76 -22.92 5.11
CA THR D 65 18.99 -22.17 4.84
C THR D 65 20.17 -22.98 4.27
N ALA D 66 20.18 -24.29 4.55
CA ALA D 66 21.23 -25.20 4.07
C ALA D 66 20.97 -25.77 2.67
N LEU D 67 19.78 -25.50 2.13
CA LEU D 67 19.42 -26.02 0.83
C LEU D 67 20.01 -25.16 -0.27
N SER D 68 20.63 -25.81 -1.25
CA SER D 68 21.15 -25.09 -2.41
C SER D 68 19.92 -24.90 -3.34
N ASP D 69 20.05 -24.04 -4.33
CA ASP D 69 18.94 -23.82 -5.25
C ASP D 69 18.59 -25.08 -6.03
N ALA D 70 19.59 -25.92 -6.30
CA ALA D 70 19.36 -27.18 -7.01
C ALA D 70 18.58 -28.13 -6.10
N ASP D 71 18.92 -28.16 -4.81
CA ASP D 71 18.19 -28.99 -3.83
C ASP D 71 16.73 -28.59 -3.91
N ILE D 72 16.49 -27.28 -3.85
CA ILE D 72 15.15 -26.69 -3.88
C ILE D 72 14.36 -27.11 -5.10
N ALA D 73 14.99 -27.03 -6.28
CA ALA D 73 14.34 -27.45 -7.51
C ALA D 73 13.96 -28.93 -7.41
N ASN D 74 14.90 -29.74 -6.92
CA ASN D 74 14.69 -31.16 -6.78
C ASN D 74 13.55 -31.47 -5.81
N LEU D 75 13.55 -30.81 -4.66
CA LEU D 75 12.52 -31.02 -3.66
C LEU D 75 11.11 -30.65 -4.16
N ALA D 76 11.03 -29.54 -4.90
CA ALA D 76 9.76 -29.04 -5.44
C ALA D 76 9.21 -30.00 -6.48
N ALA D 77 10.08 -30.48 -7.37
CA ALA D 77 9.70 -31.42 -8.42
C ALA D 77 9.12 -32.68 -7.78
N TYR D 78 9.79 -33.18 -6.73
CA TYR D 78 9.34 -34.37 -6.00
C TYR D 78 7.96 -34.21 -5.34
N TYR D 79 7.83 -33.20 -4.48
CA TYR D 79 6.56 -32.99 -3.78
C TYR D 79 5.40 -32.70 -4.74
N ALA D 80 5.69 -31.97 -5.82
CA ALA D 80 4.67 -31.65 -6.82
C ALA D 80 4.16 -32.94 -7.50
N SER D 81 5.05 -33.93 -7.63
CA SER D 81 4.73 -35.23 -8.25
C SER D 81 3.84 -36.14 -7.40
N ASN D 82 3.80 -35.94 -6.10
CA ASN D 82 2.97 -36.78 -5.22
C ASN D 82 1.49 -36.53 -5.41
N PRO D 83 0.64 -37.56 -5.20
CA PRO D 83 -0.81 -37.33 -5.34
C PRO D 83 -1.24 -36.45 -4.17
N ALA D 84 -2.08 -35.45 -4.41
CA ALA D 84 -2.51 -34.55 -3.33
C ALA D 84 -3.37 -35.22 -2.26
N ALA D 85 -4.15 -36.22 -2.66
CA ALA D 85 -5.01 -36.99 -1.77
C ALA D 85 -4.09 -37.92 -0.97
N ALA D 86 -2.90 -38.13 -1.53
CA ALA D 86 -1.83 -38.95 -0.98
C ALA D 86 -2.09 -40.44 -0.82
N ALA E 1 -24.95 8.14 13.85
CA ALA E 1 -24.55 8.79 15.14
C ALA E 1 -23.05 8.63 15.41
N GLY E 2 -22.52 9.53 16.23
CA GLY E 2 -21.12 9.48 16.58
C GLY E 2 -20.95 9.53 18.09
N ASP E 3 -20.02 8.74 18.60
CA ASP E 3 -19.72 8.66 20.04
C ASP E 3 -18.44 9.46 20.33
N ILE E 4 -18.61 10.63 20.94
CA ILE E 4 -17.48 11.51 21.27
C ILE E 4 -16.40 10.82 22.09
N GLU E 5 -16.82 10.10 23.14
CA GLU E 5 -15.87 9.40 23.99
C GLU E 5 -15.13 8.26 23.28
N ALA E 6 -15.81 7.53 22.41
CA ALA E 6 -15.15 6.44 21.68
C ALA E 6 -14.21 7.06 20.64
N GLY E 7 -14.63 8.19 20.10
CA GLY E 7 -13.83 8.91 19.12
C GLY E 7 -12.53 9.39 19.74
N LYS E 8 -12.60 9.91 20.96
CA LYS E 8 -11.43 10.40 21.66
C LYS E 8 -10.38 9.30 21.88
N ALA E 9 -10.86 8.09 22.22
CA ALA E 9 -9.97 6.95 22.44
C ALA E 9 -9.31 6.50 21.13
N LYS E 10 -10.10 6.47 20.06
CA LYS E 10 -9.61 6.08 18.75
C LYS E 10 -8.58 7.09 18.23
N ALA E 11 -8.82 8.36 18.53
CA ALA E 11 -7.97 9.48 18.10
C ALA E 11 -6.51 9.46 18.54
N ALA E 12 -6.16 8.59 19.49
CA ALA E 12 -4.78 8.49 19.98
C ALA E 12 -3.80 8.26 18.81
N VAL E 13 -4.26 7.51 17.81
CA VAL E 13 -3.46 7.19 16.62
C VAL E 13 -3.57 8.30 15.55
N CYS E 14 -4.23 9.40 15.90
CA CYS E 14 -4.45 10.54 15.00
C CYS E 14 -3.68 11.79 15.42
N ALA E 15 -3.54 11.94 16.74
CA ALA E 15 -2.88 13.09 17.36
C ALA E 15 -1.46 13.40 16.91
N ALA E 16 -0.68 12.37 16.61
CA ALA E 16 0.69 12.56 16.16
C ALA E 16 0.79 13.59 15.05
N CYS E 17 -0.14 13.51 14.10
CA CYS E 17 -0.15 14.42 12.97
C CYS E 17 -1.12 15.59 13.08
N HIS E 18 -2.26 15.38 13.74
CA HIS E 18 -3.28 16.43 13.87
C HIS E 18 -3.29 17.23 15.19
N GLY E 19 -2.39 16.89 16.12
CA GLY E 19 -2.35 17.60 17.40
C GLY E 19 -3.27 16.99 18.42
N GLN E 20 -2.86 17.03 19.69
CA GLN E 20 -3.65 16.47 20.78
C GLN E 20 -5.01 17.15 20.86
N ASN E 21 -4.99 18.45 20.58
CA ASN E 21 -6.19 19.29 20.62
C ASN E 21 -6.81 19.49 19.23
N GLY E 22 -6.38 18.68 18.25
CA GLY E 22 -6.89 18.82 16.89
C GLY E 22 -6.35 20.02 16.11
N ILE E 23 -5.25 20.61 16.58
CA ILE E 23 -4.58 21.73 15.90
C ILE E 23 -3.22 21.16 15.52
N SER E 24 -2.91 21.14 14.22
CA SER E 24 -1.65 20.58 13.75
C SER E 24 -0.45 21.44 14.09
N GLN E 25 0.71 20.82 13.94
CA GLN E 25 2.00 21.47 14.18
C GLN E 25 2.67 21.64 12.83
N VAL E 26 2.37 20.74 11.90
CA VAL E 26 2.92 20.77 10.56
C VAL E 26 2.06 21.74 9.73
N PRO E 27 2.68 22.77 9.13
CA PRO E 27 2.05 23.80 8.31
C PRO E 27 1.16 23.27 7.19
N ILE E 28 1.52 22.13 6.62
CA ILE E 28 0.72 21.54 5.54
C ILE E 28 -0.31 20.52 6.03
N TYR E 29 -0.36 20.25 7.33
CA TYR E 29 -1.37 19.33 7.85
C TYR E 29 -2.54 20.18 8.34
N PRO E 30 -3.77 19.71 8.09
CA PRO E 30 -4.94 20.49 8.52
C PRO E 30 -5.35 20.38 9.98
N ASN E 31 -5.98 21.44 10.48
CA ASN E 31 -6.57 21.47 11.81
C ASN E 31 -7.91 20.75 11.66
N LEU E 32 -8.30 19.94 12.63
CA LEU E 32 -9.58 19.23 12.59
C LEU E 32 -10.54 19.72 13.67
N ALA E 33 -9.99 20.32 14.72
CA ALA E 33 -10.80 20.80 15.87
C ALA E 33 -11.92 21.76 15.48
N GLY E 34 -13.14 21.40 15.84
CA GLY E 34 -14.27 22.26 15.55
C GLY E 34 -14.77 22.20 14.11
N GLN E 35 -14.11 21.42 13.26
CA GLN E 35 -14.56 21.30 11.87
C GLN E 35 -15.98 20.71 11.87
N LYS E 36 -16.74 20.94 10.79
CA LYS E 36 -18.09 20.39 10.67
C LYS E 36 -18.04 18.88 10.73
N GLU E 37 -18.86 18.31 11.61
CA GLU E 37 -18.94 16.86 11.80
C GLU E 37 -19.23 16.05 10.54
N GLN E 38 -20.31 16.40 9.83
CA GLN E 38 -20.65 15.70 8.61
C GLN E 38 -19.60 15.83 7.51
N TYR E 39 -18.87 16.99 7.53
CA TYR E 39 -17.80 17.11 6.53
C TYR E 39 -16.64 16.18 6.87
N LEU E 40 -16.29 16.08 8.17
CA LEU E 40 -15.21 15.18 8.62
C LEU E 40 -15.52 13.74 8.17
N VAL E 41 -16.79 13.33 8.29
CA VAL E 41 -17.24 12.01 7.86
C VAL E 41 -16.97 11.83 6.36
N ALA E 42 -17.37 12.83 5.57
CA ALA E 42 -17.20 12.79 4.11
C ALA E 42 -15.72 12.73 3.70
N ALA E 43 -14.88 13.56 4.32
CA ALA E 43 -13.46 13.60 4.03
C ALA E 43 -12.82 12.23 4.36
N LEU E 44 -13.13 11.69 5.54
CA LEU E 44 -12.63 10.39 5.98
C LEU E 44 -13.05 9.27 5.03
N LYS E 45 -14.32 9.30 4.58
CA LYS E 45 -14.82 8.29 3.65
C LYS E 45 -14.14 8.36 2.29
N ALA E 46 -13.80 9.58 1.87
CA ALA E 46 -13.12 9.78 0.59
C ALA E 46 -11.70 9.18 0.66
N TYR E 47 -10.95 9.48 1.76
CA TYR E 47 -9.60 8.91 1.88
C TYR E 47 -9.66 7.38 1.90
N LYS E 48 -10.60 6.84 2.68
CA LYS E 48 -10.80 5.39 2.78
C LYS E 48 -11.12 4.77 1.41
N ALA E 49 -11.83 5.52 0.57
CA ALA E 49 -12.18 5.03 -0.76
C ALA E 49 -11.12 5.39 -1.81
N GLY E 50 -10.00 5.95 -1.36
CA GLY E 50 -8.96 6.34 -2.30
C GLY E 50 -9.38 7.45 -3.26
N GLN E 51 -10.25 8.36 -2.78
CA GLN E 51 -10.78 9.44 -3.60
C GLN E 51 -10.07 10.78 -3.50
N ARG E 52 -8.98 10.82 -2.74
CA ARG E 52 -8.19 12.05 -2.61
C ARG E 52 -6.75 11.79 -2.99
N GLN E 53 -6.27 12.55 -3.97
CA GLN E 53 -4.90 12.44 -4.44
C GLN E 53 -4.19 13.79 -4.39
N GLY E 54 -2.87 13.77 -4.56
CA GLY E 54 -2.07 14.98 -4.55
C GLY E 54 -1.41 15.24 -3.21
N GLY E 55 -0.19 15.79 -3.24
CA GLY E 55 0.50 16.07 -2.00
C GLY E 55 0.61 14.84 -1.12
N GLN E 56 0.28 15.00 0.15
CA GLN E 56 0.35 13.92 1.11
C GLN E 56 -0.99 13.23 1.37
N ALA E 57 -1.91 13.38 0.41
CA ALA E 57 -3.22 12.73 0.52
C ALA E 57 -3.04 11.21 0.68
N PRO E 58 -2.08 10.57 -0.04
CA PRO E 58 -1.84 9.12 0.07
C PRO E 58 -1.39 8.76 1.49
N VAL E 59 -0.74 9.72 2.15
CA VAL E 59 -0.26 9.52 3.52
C VAL E 59 -1.47 9.37 4.44
N MET E 60 -2.44 10.26 4.27
CA MET E 60 -3.67 10.21 5.06
C MET E 60 -4.58 9.04 4.63
N GLN E 61 -4.58 8.70 3.35
CA GLN E 61 -5.39 7.60 2.87
C GLN E 61 -5.00 6.35 3.66
N GLY E 62 -3.70 6.19 3.91
CA GLY E 62 -3.20 5.05 4.67
C GLY E 62 -3.75 4.97 6.08
N GLN E 63 -4.15 6.11 6.64
CA GLN E 63 -4.70 6.18 7.99
C GLN E 63 -6.21 5.90 8.04
N ALA E 64 -6.88 5.93 6.88
CA ALA E 64 -8.33 5.76 6.84
C ALA E 64 -8.87 4.41 6.38
N THR E 65 -8.07 3.69 5.60
CA THR E 65 -8.49 2.41 5.07
C THR E 65 -8.87 1.39 6.14
N ALA E 66 -8.28 1.50 7.33
CA ALA E 66 -8.59 0.54 8.40
C ALA E 66 -9.74 0.99 9.28
N LEU E 67 -10.23 2.20 9.04
CA LEU E 67 -11.32 2.73 9.83
C LEU E 67 -12.67 2.15 9.38
N SER E 68 -13.46 1.73 10.35
CA SER E 68 -14.80 1.21 10.07
C SER E 68 -15.65 2.47 9.95
N ASP E 69 -16.90 2.32 9.55
CA ASP E 69 -17.79 3.47 9.43
C ASP E 69 -18.20 3.98 10.81
N ALA E 70 -18.14 3.11 11.82
CA ALA E 70 -18.45 3.50 13.19
C ALA E 70 -17.27 4.33 13.70
N ASP E 71 -16.04 3.91 13.36
CA ASP E 71 -14.84 4.65 13.76
C ASP E 71 -14.89 6.06 13.16
N ILE E 72 -15.26 6.13 11.88
CA ILE E 72 -15.32 7.42 11.20
C ILE E 72 -16.34 8.35 11.85
N ALA E 73 -17.50 7.80 12.23
CA ALA E 73 -18.55 8.58 12.88
C ALA E 73 -18.09 9.05 14.25
N ASN E 74 -17.40 8.18 14.98
CA ASN E 74 -16.92 8.52 16.32
C ASN E 74 -15.86 9.61 16.28
N LEU E 75 -14.86 9.41 15.41
CA LEU E 75 -13.77 10.36 15.24
C LEU E 75 -14.29 11.74 14.80
N ALA E 76 -15.25 11.75 13.88
CA ALA E 76 -15.82 13.00 13.42
C ALA E 76 -16.52 13.73 14.58
N ALA E 77 -17.33 12.99 15.36
CA ALA E 77 -18.04 13.56 16.50
C ALA E 77 -17.06 14.19 17.49
N TYR E 78 -15.97 13.47 17.78
CA TYR E 78 -14.93 13.94 18.69
C TYR E 78 -14.30 15.24 18.23
N TYR E 79 -13.70 15.23 17.04
CA TYR E 79 -13.04 16.42 16.53
C TYR E 79 -13.97 17.62 16.38
N ALA E 80 -15.21 17.37 15.97
CA ALA E 80 -16.18 18.46 15.81
C ALA E 80 -16.49 19.09 17.17
N SER E 81 -16.48 18.27 18.23
CA SER E 81 -16.78 18.72 19.59
C SER E 81 -15.69 19.60 20.20
N ASN E 82 -14.44 19.44 19.75
CA ASN E 82 -13.32 20.22 20.28
C ASN E 82 -13.40 21.71 19.89
N PRO E 83 -12.91 22.62 20.76
CA PRO E 83 -12.96 24.05 20.43
C PRO E 83 -11.99 24.38 19.29
N ALA E 84 -12.49 25.09 18.28
CA ALA E 84 -11.68 25.46 17.11
C ALA E 84 -10.36 26.19 17.43
N ALA E 85 -10.28 26.78 18.63
CA ALA E 85 -9.10 27.52 19.04
C ALA E 85 -8.20 26.78 20.04
N ALA E 86 -8.77 25.76 20.69
CA ALA E 86 -8.11 24.92 21.70
C ALA E 86 -8.23 25.43 23.13
N ALA F 1 3.18 32.87 -0.57
CA ALA F 1 2.68 34.22 -0.15
C ALA F 1 1.40 34.61 -0.89
N GLY F 2 0.49 35.26 -0.16
CA GLY F 2 -0.75 35.69 -0.76
C GLY F 2 -1.16 37.01 -0.14
N ASP F 3 -2.02 37.76 -0.83
CA ASP F 3 -2.48 39.02 -0.29
C ASP F 3 -3.85 38.84 0.36
N ILE F 4 -3.92 39.15 1.65
CA ILE F 4 -5.15 39.02 2.44
C ILE F 4 -6.30 39.88 1.89
N GLU F 5 -6.02 41.16 1.63
CA GLU F 5 -7.02 42.08 1.09
C GLU F 5 -7.59 41.56 -0.24
N ALA F 6 -6.70 41.09 -1.12
CA ALA F 6 -7.12 40.52 -2.39
C ALA F 6 -7.96 39.25 -2.19
N GLY F 7 -7.53 38.39 -1.26
CA GLY F 7 -8.25 37.15 -0.99
C GLY F 7 -9.66 37.45 -0.51
N LYS F 8 -9.75 38.49 0.29
CA LYS F 8 -11.00 38.98 0.86
C LYS F 8 -11.99 39.31 -0.26
N ALA F 9 -11.52 40.14 -1.20
CA ALA F 9 -12.32 40.57 -2.33
C ALA F 9 -12.75 39.38 -3.14
N LYS F 10 -11.81 38.46 -3.40
CA LYS F 10 -12.12 37.27 -4.17
C LYS F 10 -13.09 36.33 -3.45
N ALA F 11 -13.02 36.30 -2.13
CA ALA F 11 -13.87 35.43 -1.34
C ALA F 11 -15.38 35.73 -1.36
N ALA F 12 -15.79 36.82 -2.00
CA ALA F 12 -17.21 37.16 -2.08
C ALA F 12 -17.99 35.99 -2.72
N VAL F 13 -17.34 35.29 -3.65
CA VAL F 13 -17.99 34.16 -4.34
C VAL F 13 -17.93 32.85 -3.56
N CYS F 14 -17.28 32.89 -2.40
CA CYS F 14 -17.08 31.73 -1.55
C CYS F 14 -18.00 31.74 -0.34
N ALA F 15 -18.35 32.95 0.10
CA ALA F 15 -19.17 33.19 1.27
C ALA F 15 -20.52 32.49 1.36
N ALA F 16 -21.21 32.34 0.24
CA ALA F 16 -22.52 31.68 0.21
C ALA F 16 -22.48 30.30 0.86
N CYS F 17 -21.38 29.58 0.64
CA CYS F 17 -21.25 28.25 1.19
C CYS F 17 -20.36 28.13 2.43
N HIS F 18 -19.30 28.92 2.49
CA HIS F 18 -18.37 28.86 3.61
C HIS F 18 -18.56 29.92 4.70
N GLY F 19 -19.59 30.75 4.57
CA GLY F 19 -19.85 31.79 5.54
C GLY F 19 -19.02 33.04 5.29
N GLN F 20 -19.60 34.20 5.60
CA GLN F 20 -18.95 35.49 5.44
C GLN F 20 -17.67 35.61 6.29
N ASN F 21 -17.58 34.82 7.36
CA ASN F 21 -16.40 34.81 8.22
C ASN F 21 -15.61 33.49 8.18
N GLY F 22 -15.88 32.68 7.16
CA GLY F 22 -15.16 31.42 7.03
C GLY F 22 -15.73 30.30 7.88
N ILE F 23 -16.80 30.61 8.61
CA ILE F 23 -17.45 29.61 9.44
C ILE F 23 -18.75 29.31 8.71
N SER F 24 -18.84 28.10 8.18
CA SER F 24 -20.00 27.67 7.43
C SER F 24 -21.26 27.51 8.30
N GLN F 25 -22.42 27.68 7.69
CA GLN F 25 -23.71 27.51 8.39
C GLN F 25 -24.33 26.27 7.77
N VAL F 26 -23.59 25.64 6.86
CA VAL F 26 -24.05 24.44 6.20
C VAL F 26 -23.32 23.25 6.82
N PRO F 27 -24.07 22.30 7.39
CA PRO F 27 -23.51 21.09 8.05
C PRO F 27 -22.46 20.31 7.29
N ILE F 28 -22.58 20.22 5.97
CA ILE F 28 -21.63 19.45 5.18
C ILE F 28 -20.57 20.29 4.47
N TYR F 29 -20.64 21.61 4.63
CA TYR F 29 -19.62 22.49 4.03
C TYR F 29 -18.64 22.83 5.15
N PRO F 30 -17.33 22.66 4.89
CA PRO F 30 -16.30 22.94 5.90
C PRO F 30 -15.98 24.39 6.25
N ASN F 31 -15.52 24.59 7.48
CA ASN F 31 -15.08 25.90 7.95
C ASN F 31 -13.68 26.09 7.37
N LEU F 32 -13.37 27.32 6.97
CA LEU F 32 -12.05 27.64 6.40
C LEU F 32 -11.27 28.61 7.31
N ALA F 33 -12.01 29.33 8.17
CA ALA F 33 -11.43 30.33 9.05
C ALA F 33 -10.33 29.79 9.94
N GLY F 34 -9.13 30.37 9.85
CA GLY F 34 -8.03 29.97 10.69
C GLY F 34 -7.39 28.64 10.37
N GLN F 35 -7.76 28.04 9.24
CA GLN F 35 -7.15 26.79 8.83
C GLN F 35 -5.70 27.11 8.41
N LYS F 36 -4.80 26.12 8.50
CA LYS F 36 -3.42 26.32 8.09
C LYS F 36 -3.40 26.84 6.62
N GLU F 37 -2.71 27.97 6.41
CA GLU F 37 -2.60 28.57 5.09
C GLU F 37 -2.02 27.65 4.01
N GLN F 38 -0.96 26.92 4.30
CA GLN F 38 -0.38 26.03 3.29
C GLN F 38 -1.32 24.86 3.00
N TYR F 39 -2.07 24.42 3.99
CA TYR F 39 -3.04 23.35 3.76
C TYR F 39 -4.13 23.89 2.84
N LEU F 40 -4.58 25.12 3.11
CA LEU F 40 -5.60 25.75 2.27
C LEU F 40 -5.13 25.82 0.83
N VAL F 41 -3.86 26.22 0.63
CA VAL F 41 -3.29 26.28 -0.74
C VAL F 41 -3.33 24.89 -1.39
N ALA F 42 -2.88 23.88 -0.65
CA ALA F 42 -2.85 22.50 -1.15
C ALA F 42 -4.23 21.95 -1.52
N ALA F 43 -5.21 22.16 -0.64
CA ALA F 43 -6.58 21.69 -0.87
C ALA F 43 -7.15 22.36 -2.13
N LEU F 44 -6.99 23.67 -2.21
CA LEU F 44 -7.47 24.42 -3.38
C LEU F 44 -6.78 23.94 -4.66
N LYS F 45 -5.47 23.70 -4.57
CA LYS F 45 -4.71 23.19 -5.71
C LYS F 45 -5.29 21.84 -6.16
N ALA F 46 -5.62 20.98 -5.20
CA ALA F 46 -6.19 19.64 -5.47
C ALA F 46 -7.55 19.70 -6.17
N TYR F 47 -8.44 20.57 -5.71
CA TYR F 47 -9.76 20.69 -6.35
C TYR F 47 -9.58 21.20 -7.78
N LYS F 48 -8.68 22.17 -7.94
CA LYS F 48 -8.41 22.76 -9.24
C LYS F 48 -7.86 21.73 -10.24
N ALA F 49 -7.03 20.81 -9.75
CA ALA F 49 -6.44 19.77 -10.56
C ALA F 49 -7.33 18.52 -10.63
N GLY F 50 -8.53 18.62 -10.08
CA GLY F 50 -9.45 17.48 -10.09
C GLY F 50 -8.99 16.30 -9.22
N GLN F 51 -8.18 16.59 -8.20
CA GLN F 51 -7.66 15.53 -7.32
C GLN F 51 -8.52 15.05 -6.16
N ARG F 52 -9.64 15.74 -5.90
CA ARG F 52 -10.56 15.33 -4.84
C ARG F 52 -11.89 14.88 -5.41
N GLN F 53 -12.25 13.63 -5.10
CA GLN F 53 -13.47 13.02 -5.57
C GLN F 53 -14.33 12.54 -4.38
N GLY F 54 -15.53 12.07 -4.71
CA GLY F 54 -16.45 11.58 -3.69
C GLY F 54 -17.31 12.67 -3.10
N GLY F 55 -18.41 12.27 -2.46
CA GLY F 55 -19.31 13.22 -1.81
C GLY F 55 -19.67 14.42 -2.65
N GLN F 56 -19.44 15.61 -2.10
CA GLN F 56 -19.75 16.84 -2.80
C GLN F 56 -18.50 17.48 -3.38
N ALA F 57 -17.40 16.74 -3.39
CA ALA F 57 -16.15 17.25 -3.95
C ALA F 57 -16.30 17.84 -5.37
N PRO F 58 -17.09 17.18 -6.26
CA PRO F 58 -17.26 17.72 -7.62
C PRO F 58 -17.85 19.13 -7.63
N VAL F 59 -18.74 19.42 -6.67
CA VAL F 59 -19.33 20.73 -6.54
C VAL F 59 -18.22 21.74 -6.23
N MET F 60 -17.35 21.40 -5.28
CA MET F 60 -16.26 22.28 -4.92
C MET F 60 -15.23 22.41 -6.06
N GLN F 61 -15.05 21.33 -6.80
CA GLN F 61 -14.12 21.36 -7.93
C GLN F 61 -14.61 22.43 -8.93
N GLY F 62 -15.93 22.50 -9.11
CA GLY F 62 -16.50 23.49 -10.00
C GLY F 62 -16.26 24.91 -9.52
N GLN F 63 -15.91 25.08 -8.25
CA GLN F 63 -15.63 26.39 -7.67
C GLN F 63 -14.13 26.72 -7.64
N ALA F 64 -13.28 25.73 -7.94
CA ALA F 64 -11.82 25.95 -7.91
C ALA F 64 -11.10 25.97 -9.25
N THR F 65 -11.66 25.30 -10.25
CA THR F 65 -11.04 25.23 -11.57
C THR F 65 -10.82 26.57 -12.29
N ALA F 66 -11.60 27.59 -11.94
CA ALA F 66 -11.43 28.90 -12.57
C ALA F 66 -10.46 29.80 -11.77
N LEU F 67 -10.00 29.32 -10.62
CA LEU F 67 -9.07 30.11 -9.81
C LEU F 67 -7.63 30.07 -10.35
N SER F 68 -6.98 31.24 -10.38
CA SER F 68 -5.60 31.31 -10.82
C SER F 68 -4.78 30.96 -9.57
N ASP F 69 -3.52 30.57 -9.74
CA ASP F 69 -2.70 30.22 -8.58
C ASP F 69 -2.55 31.39 -7.63
N ALA F 70 -2.53 32.61 -8.18
CA ALA F 70 -2.42 33.81 -7.33
C ALA F 70 -3.71 33.92 -6.51
N ASP F 71 -4.84 33.66 -7.15
CA ASP F 71 -6.16 33.68 -6.51
C ASP F 71 -6.13 32.72 -5.31
N ILE F 72 -5.58 31.53 -5.54
CA ILE F 72 -5.48 30.51 -4.51
C ILE F 72 -4.63 30.99 -3.33
N ALA F 73 -3.47 31.56 -3.63
CA ALA F 73 -2.59 32.06 -2.58
C ALA F 73 -3.29 33.16 -1.77
N ASN F 74 -3.99 34.05 -2.47
CA ASN F 74 -4.68 35.16 -1.83
C ASN F 74 -5.81 34.68 -0.91
N LEU F 75 -6.62 33.77 -1.43
CA LEU F 75 -7.75 33.22 -0.69
C LEU F 75 -7.27 32.49 0.56
N ALA F 76 -6.23 31.68 0.40
CA ALA F 76 -5.66 30.92 1.52
C ALA F 76 -5.15 31.87 2.60
N ALA F 77 -4.43 32.93 2.20
CA ALA F 77 -3.90 33.94 3.13
C ALA F 77 -5.05 34.56 3.90
N TYR F 78 -6.10 34.95 3.19
CA TYR F 78 -7.26 35.56 3.82
C TYR F 78 -7.93 34.63 4.84
N TYR F 79 -8.38 33.45 4.41
CA TYR F 79 -9.04 32.54 5.35
C TYR F 79 -8.16 32.15 6.55
N ALA F 80 -6.88 31.90 6.30
CA ALA F 80 -5.94 31.56 7.38
C ALA F 80 -5.85 32.68 8.43
N SER F 81 -5.99 33.93 7.98
CA SER F 81 -5.90 35.10 8.86
C SER F 81 -7.10 35.28 9.79
N ASN F 82 -8.25 34.72 9.40
CA ASN F 82 -9.48 34.82 10.20
C ASN F 82 -9.42 33.97 11.46
N PRO F 83 -10.12 34.41 12.53
CA PRO F 83 -10.09 33.59 13.75
C PRO F 83 -10.99 32.36 13.56
N ALA F 84 -10.45 31.17 13.86
CA ALA F 84 -11.17 29.92 13.71
C ALA F 84 -12.48 29.83 14.52
N ALA F 85 -12.58 30.64 15.57
CA ALA F 85 -13.77 30.64 16.43
C ALA F 85 -14.71 31.79 16.09
N ALA F 86 -14.23 32.73 15.28
CA ALA F 86 -14.95 33.93 14.84
C ALA F 86 -14.68 35.15 15.73
N ALA G 1 -24.91 -12.57 -14.51
CA ALA G 1 -25.23 -11.10 -14.54
C ALA G 1 -24.29 -10.40 -15.50
N GLY G 2 -24.87 -9.84 -16.55
CA GLY G 2 -24.13 -9.15 -17.58
C GLY G 2 -24.76 -9.66 -18.86
N ASP G 3 -25.62 -8.85 -19.45
CA ASP G 3 -26.29 -9.22 -20.69
C ASP G 3 -25.54 -8.66 -21.92
N ILE G 4 -25.05 -9.57 -22.77
CA ILE G 4 -24.31 -9.21 -23.98
C ILE G 4 -25.08 -8.31 -24.97
N GLU G 5 -26.30 -8.68 -25.36
CA GLU G 5 -27.06 -7.86 -26.32
C GLU G 5 -27.37 -6.48 -25.78
N ALA G 6 -27.70 -6.40 -24.48
CA ALA G 6 -28.00 -5.12 -23.86
C ALA G 6 -26.73 -4.27 -23.83
N GLY G 7 -25.61 -4.92 -23.55
CA GLY G 7 -24.33 -4.23 -23.48
C GLY G 7 -23.98 -3.70 -24.85
N LYS G 8 -24.21 -4.51 -25.88
CA LYS G 8 -23.95 -4.12 -27.25
C LYS G 8 -24.77 -2.89 -27.65
N ALA G 9 -26.04 -2.90 -27.30
CA ALA G 9 -26.95 -1.79 -27.62
C ALA G 9 -26.49 -0.54 -26.89
N LYS G 10 -26.24 -0.68 -25.59
CA LYS G 10 -25.76 0.43 -24.76
C LYS G 10 -24.41 0.98 -25.25
N ALA G 11 -23.57 0.12 -25.81
CA ALA G 11 -22.24 0.50 -26.29
C ALA G 11 -22.19 1.51 -27.45
N ALA G 12 -23.34 1.85 -28.00
CA ALA G 12 -23.44 2.85 -29.06
C ALA G 12 -22.79 4.17 -28.58
N VAL G 13 -22.99 4.51 -27.29
CA VAL G 13 -22.42 5.72 -26.72
C VAL G 13 -20.92 5.56 -26.42
N CYS G 14 -20.40 4.36 -26.59
CA CYS G 14 -18.99 4.04 -26.32
C CYS G 14 -18.14 3.90 -27.58
N ALA G 15 -18.78 3.50 -28.67
CA ALA G 15 -18.11 3.22 -29.95
C ALA G 15 -17.23 4.28 -30.59
N ALA G 16 -17.60 5.55 -30.47
CA ALA G 16 -16.83 6.63 -31.08
C ALA G 16 -15.40 6.69 -30.54
N CYS G 17 -15.20 6.19 -29.33
CA CYS G 17 -13.87 6.18 -28.74
C CYS G 17 -13.20 4.80 -28.69
N HIS G 18 -13.93 3.81 -28.19
CA HIS G 18 -13.35 2.46 -28.09
C HIS G 18 -13.53 1.63 -29.34
N GLY G 19 -14.10 2.23 -30.36
CA GLY G 19 -14.29 1.55 -31.62
C GLY G 19 -15.52 0.68 -31.62
N GLN G 20 -16.14 0.59 -32.79
CA GLN G 20 -17.34 -0.21 -33.00
C GLN G 20 -17.04 -1.68 -32.70
N ASN G 21 -15.79 -2.08 -32.92
CA ASN G 21 -15.37 -3.46 -32.71
C ASN G 21 -14.70 -3.70 -31.33
N GLY G 22 -14.46 -2.62 -30.56
CA GLY G 22 -13.80 -2.74 -29.27
C GLY G 22 -12.30 -2.40 -29.43
N ILE G 23 -11.91 -2.09 -30.66
CA ILE G 23 -10.56 -1.70 -31.02
C ILE G 23 -10.57 -0.20 -31.29
N SER G 24 -9.82 0.57 -30.51
CA SER G 24 -9.80 2.00 -30.74
C SER G 24 -9.07 2.35 -32.04
N GLN G 25 -9.38 3.52 -32.56
CA GLN G 25 -8.77 4.01 -33.79
C GLN G 25 -7.67 4.99 -33.37
N VAL G 26 -7.88 5.60 -32.20
CA VAL G 26 -7.00 6.60 -31.57
C VAL G 26 -6.05 6.03 -30.49
N PRO G 27 -4.75 6.41 -30.53
CA PRO G 27 -3.74 5.92 -29.58
C PRO G 27 -3.95 6.13 -28.06
N ILE G 28 -4.60 7.20 -27.61
CA ILE G 28 -4.81 7.31 -26.15
C ILE G 28 -6.11 6.69 -25.62
N TYR G 29 -6.91 6.13 -26.51
CA TYR G 29 -8.14 5.44 -26.16
C TYR G 29 -7.77 3.95 -26.17
N PRO G 30 -8.02 3.24 -25.05
CA PRO G 30 -7.68 1.81 -25.03
C PRO G 30 -8.66 0.90 -25.80
N ASN G 31 -8.15 -0.27 -26.19
CA ASN G 31 -8.94 -1.30 -26.83
C ASN G 31 -9.63 -2.01 -25.64
N LEU G 32 -10.86 -2.45 -25.84
CA LEU G 32 -11.61 -3.16 -24.81
C LEU G 32 -11.95 -4.58 -25.25
N ALA G 33 -11.82 -4.85 -26.56
CA ALA G 33 -12.18 -6.17 -27.11
C ALA G 33 -11.47 -7.36 -26.50
N GLY G 34 -12.25 -8.32 -26.00
CA GLY G 34 -11.71 -9.52 -25.40
C GLY G 34 -10.98 -9.33 -24.07
N GLN G 35 -11.11 -8.15 -23.48
CA GLN G 35 -10.48 -7.87 -22.21
C GLN G 35 -11.23 -8.69 -21.13
N LYS G 36 -10.54 -9.02 -20.02
CA LYS G 36 -11.19 -9.77 -18.94
C LYS G 36 -12.43 -9.05 -18.43
N GLU G 37 -13.55 -9.78 -18.40
CA GLU G 37 -14.83 -9.23 -17.96
C GLU G 37 -14.83 -8.60 -16.58
N GLN G 38 -14.30 -9.32 -15.60
CA GLN G 38 -14.26 -8.83 -14.22
C GLN G 38 -13.41 -7.59 -14.09
N TYR G 39 -12.35 -7.53 -14.89
CA TYR G 39 -11.48 -6.36 -14.89
C TYR G 39 -12.22 -5.18 -15.50
N LEU G 40 -12.96 -5.41 -16.61
CA LEU G 40 -13.71 -4.31 -17.24
C LEU G 40 -14.68 -3.71 -16.25
N VAL G 41 -15.35 -4.57 -15.47
CA VAL G 41 -16.30 -4.13 -14.44
C VAL G 41 -15.57 -3.30 -13.38
N ALA G 42 -14.44 -3.81 -12.90
CA ALA G 42 -13.65 -3.11 -11.87
C ALA G 42 -13.21 -1.74 -12.35
N ALA G 43 -12.63 -1.67 -13.55
CA ALA G 43 -12.15 -0.42 -14.14
C ALA G 43 -13.30 0.59 -14.24
N LEU G 44 -14.42 0.13 -14.78
CA LEU G 44 -15.60 0.98 -14.93
C LEU G 44 -16.08 1.54 -13.58
N LYS G 45 -16.09 0.69 -12.55
CA LYS G 45 -16.49 1.14 -11.22
C LYS G 45 -15.52 2.15 -10.64
N ALA G 46 -14.23 1.98 -10.94
CA ALA G 46 -13.20 2.91 -10.44
C ALA G 46 -13.40 4.31 -11.06
N TYR G 47 -13.71 4.36 -12.35
CA TYR G 47 -13.95 5.65 -13.02
C TYR G 47 -15.17 6.35 -12.41
N LYS G 48 -16.24 5.58 -12.26
CA LYS G 48 -17.49 6.07 -11.71
C LYS G 48 -17.31 6.60 -10.29
N ALA G 49 -16.46 5.94 -9.52
CA ALA G 49 -16.17 6.33 -8.14
C ALA G 49 -15.05 7.38 -8.05
N GLY G 50 -14.58 7.87 -9.19
CA GLY G 50 -13.53 8.87 -9.20
C GLY G 50 -12.22 8.36 -8.62
N GLN G 51 -11.91 7.10 -8.88
CA GLN G 51 -10.71 6.45 -8.37
C GLN G 51 -9.54 6.42 -9.31
N ARG G 52 -9.76 6.84 -10.56
CA ARG G 52 -8.69 6.91 -11.55
C ARG G 52 -8.45 8.35 -11.95
N GLN G 53 -7.21 8.79 -11.78
CA GLN G 53 -6.79 10.15 -12.10
C GLN G 53 -5.56 10.11 -13.00
N GLY G 54 -5.15 11.26 -13.50
CA GLY G 54 -3.99 11.31 -14.37
C GLY G 54 -4.31 11.14 -15.83
N GLY G 55 -3.59 11.86 -16.69
CA GLY G 55 -3.80 11.77 -18.14
C GLY G 55 -5.23 11.99 -18.55
N GLN G 56 -5.75 11.07 -19.35
CA GLN G 56 -7.13 11.11 -19.86
C GLN G 56 -8.19 10.44 -18.94
N ALA G 57 -7.80 10.02 -17.74
CA ALA G 57 -8.72 9.39 -16.80
C ALA G 57 -9.96 10.22 -16.53
N PRO G 58 -9.80 11.55 -16.32
CA PRO G 58 -11.00 12.36 -16.06
C PRO G 58 -11.98 12.35 -17.24
N VAL G 59 -11.47 12.13 -18.45
CA VAL G 59 -12.30 12.07 -19.63
C VAL G 59 -13.22 10.83 -19.54
N MET G 60 -12.65 9.70 -19.15
CA MET G 60 -13.42 8.47 -19.04
C MET G 60 -14.36 8.54 -17.84
N GLN G 61 -13.93 9.17 -16.76
CA GLN G 61 -14.80 9.34 -15.59
C GLN G 61 -16.08 10.07 -16.05
N GLY G 62 -15.92 11.12 -16.86
CA GLY G 62 -17.05 11.87 -17.37
C GLY G 62 -18.05 10.99 -18.12
N GLN G 63 -17.56 9.91 -18.72
CA GLN G 63 -18.43 8.99 -19.46
C GLN G 63 -18.93 7.83 -18.58
N ALA G 64 -18.35 7.67 -17.39
CA ALA G 64 -18.72 6.57 -16.47
C ALA G 64 -19.70 6.91 -15.36
N THR G 65 -19.66 8.14 -14.87
CA THR G 65 -20.53 8.54 -13.77
C THR G 65 -22.03 8.29 -13.92
N ALA G 66 -22.54 8.35 -15.15
CA ALA G 66 -23.96 8.14 -15.38
C ALA G 66 -24.37 6.68 -15.58
N LEU G 67 -23.40 5.78 -15.57
CA LEU G 67 -23.64 4.36 -15.77
C LEU G 67 -24.07 3.66 -14.49
N SER G 68 -25.14 2.89 -14.57
CA SER G 68 -25.61 2.13 -13.42
C SER G 68 -24.74 0.87 -13.35
N ASP G 69 -24.76 0.20 -12.21
CA ASP G 69 -23.99 -1.03 -12.06
C ASP G 69 -24.48 -2.10 -13.07
N ALA G 70 -25.78 -2.08 -13.39
CA ALA G 70 -26.33 -3.04 -14.37
C ALA G 70 -25.76 -2.73 -15.76
N ASP G 71 -25.63 -1.44 -16.08
CA ASP G 71 -25.04 -1.00 -17.37
C ASP G 71 -23.59 -1.56 -17.45
N ILE G 72 -22.82 -1.32 -16.39
CA ILE G 72 -21.43 -1.74 -16.30
C ILE G 72 -21.30 -3.24 -16.51
N ALA G 73 -22.17 -4.02 -15.90
CA ALA G 73 -22.16 -5.46 -16.05
C ALA G 73 -22.45 -5.85 -17.51
N ASN G 74 -23.46 -5.19 -18.10
CA ASN G 74 -23.83 -5.45 -19.50
C ASN G 74 -22.72 -5.07 -20.46
N LEU G 75 -22.14 -3.89 -20.25
CA LEU G 75 -21.04 -3.36 -21.06
C LEU G 75 -19.79 -4.26 -20.97
N ALA G 76 -19.44 -4.67 -19.76
CA ALA G 76 -18.28 -5.56 -19.56
C ALA G 76 -18.51 -6.92 -20.26
N ALA G 77 -19.71 -7.47 -20.11
CA ALA G 77 -20.06 -8.74 -20.73
C ALA G 77 -19.90 -8.65 -22.24
N TYR G 78 -20.39 -7.55 -22.81
CA TYR G 78 -20.28 -7.31 -24.23
C TYR G 78 -18.85 -7.19 -24.74
N TYR G 79 -18.08 -6.24 -24.21
CA TYR G 79 -16.70 -6.08 -24.69
C TYR G 79 -15.80 -7.31 -24.49
N ALA G 80 -16.00 -7.99 -23.37
CA ALA G 80 -15.25 -9.21 -23.06
C ALA G 80 -15.52 -10.32 -24.08
N SER G 81 -16.75 -10.38 -24.60
CA SER G 81 -17.16 -11.40 -25.57
C SER G 81 -16.65 -11.19 -27.00
N ASN G 82 -16.25 -9.96 -27.33
CA ASN G 82 -15.74 -9.62 -28.67
C ASN G 82 -14.36 -10.21 -28.91
N PRO G 83 -14.04 -10.58 -30.17
CA PRO G 83 -12.69 -11.12 -30.47
C PRO G 83 -11.69 -9.98 -30.27
N ALA G 84 -10.59 -10.26 -29.58
CA ALA G 84 -9.54 -9.26 -29.32
C ALA G 84 -8.84 -8.86 -30.61
N ALA G 85 -9.01 -9.69 -31.65
CA ALA G 85 -8.44 -9.46 -32.97
C ALA G 85 -9.33 -8.43 -33.66
N ALA G 86 -10.64 -8.58 -33.39
CA ALA G 86 -11.69 -7.73 -33.91
C ALA G 86 -12.08 -7.86 -35.40
N ALA G 87 -11.64 -8.86 -36.16
CA ALA G 87 -12.00 -8.90 -37.60
C ALA G 87 -12.93 -10.01 -38.14
N ALA H 1 9.26 5.82 -29.05
CA ALA H 1 10.25 5.26 -28.10
C ALA H 1 9.85 3.84 -27.70
N GLY H 2 10.76 3.15 -27.01
CA GLY H 2 10.49 1.80 -26.58
C GLY H 2 11.18 0.75 -27.41
N ASP H 3 12.05 -0.02 -26.76
CA ASP H 3 12.76 -1.09 -27.42
C ASP H 3 11.96 -2.36 -27.10
N ILE H 4 11.41 -2.99 -28.14
CA ILE H 4 10.61 -4.21 -28.00
C ILE H 4 11.40 -5.35 -27.37
N GLU H 5 12.64 -5.55 -27.82
CA GLU H 5 13.47 -6.62 -27.28
C GLU H 5 13.80 -6.39 -25.80
N ALA H 6 14.14 -5.15 -25.47
CA ALA H 6 14.44 -4.77 -24.09
C ALA H 6 13.16 -4.91 -23.27
N GLY H 7 12.03 -4.57 -23.90
CA GLY H 7 10.74 -4.67 -23.25
C GLY H 7 10.45 -6.11 -22.90
N LYS H 8 10.69 -7.01 -23.86
CA LYS H 8 10.46 -8.43 -23.67
C LYS H 8 11.28 -9.03 -22.51
N ALA H 9 12.52 -8.57 -22.38
CA ALA H 9 13.41 -9.03 -21.32
C ALA H 9 12.87 -8.58 -19.95
N LYS H 10 12.48 -7.32 -19.85
CA LYS H 10 11.94 -6.77 -18.61
C LYS H 10 10.58 -7.37 -18.20
N ALA H 11 9.85 -7.96 -19.15
CA ALA H 11 8.53 -8.53 -18.90
C ALA H 11 8.42 -9.83 -18.13
N ALA H 12 9.55 -10.46 -17.81
CA ALA H 12 9.55 -11.72 -17.06
C ALA H 12 8.86 -11.56 -15.71
N VAL H 13 9.04 -10.40 -15.09
CA VAL H 13 8.44 -10.10 -13.79
C VAL H 13 6.93 -9.77 -13.95
N CYS H 14 6.51 -9.48 -15.18
CA CYS H 14 5.13 -9.15 -15.51
C CYS H 14 4.33 -10.38 -15.92
N ALA H 15 5.03 -11.30 -16.60
CA ALA H 15 4.46 -12.55 -17.13
C ALA H 15 3.61 -13.44 -16.26
N ALA H 16 3.96 -13.59 -14.98
CA ALA H 16 3.18 -14.46 -14.09
C ALA H 16 1.72 -13.99 -13.95
N CYS H 17 1.50 -12.68 -13.99
CA CYS H 17 0.15 -12.18 -13.85
C CYS H 17 -0.55 -11.86 -15.17
N HIS H 18 0.18 -11.22 -16.07
CA HIS H 18 -0.37 -10.83 -17.36
C HIS H 18 -0.18 -11.84 -18.49
N GLY H 19 0.43 -12.99 -18.18
CA GLY H 19 0.65 -14.05 -19.15
C GLY H 19 1.90 -13.89 -20.02
N GLN H 20 2.51 -15.01 -20.41
CA GLN H 20 3.71 -14.98 -21.26
C GLN H 20 3.43 -14.36 -22.63
N ASN H 21 2.18 -14.50 -23.09
CA ASN H 21 1.76 -13.94 -24.37
C ASN H 21 0.93 -12.64 -24.22
N GLY H 22 0.90 -12.06 -23.01
CA GLY H 22 0.14 -10.84 -22.80
C GLY H 22 -1.34 -11.09 -22.56
N ILE H 23 -1.74 -12.36 -22.51
CA ILE H 23 -3.12 -12.73 -22.22
C ILE H 23 -3.09 -13.39 -20.84
N SER H 24 -3.87 -12.87 -19.89
CA SER H 24 -3.89 -13.41 -18.55
C SER H 24 -4.72 -14.67 -18.39
N GLN H 25 -4.51 -15.35 -17.26
CA GLN H 25 -5.26 -16.55 -16.91
C GLN H 25 -6.15 -16.15 -15.75
N VAL H 26 -5.63 -15.32 -14.86
CA VAL H 26 -6.42 -14.85 -13.72
C VAL H 26 -7.49 -13.88 -14.25
N PRO H 27 -8.77 -14.17 -14.00
CA PRO H 27 -9.89 -13.33 -14.46
C PRO H 27 -9.95 -11.88 -14.00
N ILE H 28 -9.10 -11.51 -13.04
CA ILE H 28 -9.08 -10.14 -12.55
C ILE H 28 -7.84 -9.36 -13.02
N TYR H 29 -6.94 -10.05 -13.71
CA TYR H 29 -5.74 -9.43 -14.29
C TYR H 29 -5.99 -9.08 -15.75
N PRO H 30 -5.79 -7.83 -16.15
CA PRO H 30 -5.98 -7.41 -17.54
C PRO H 30 -5.03 -8.02 -18.59
N ASN H 31 -5.56 -8.12 -19.80
CA ASN H 31 -4.82 -8.58 -20.96
C ASN H 31 -4.07 -7.35 -21.42
N LEU H 32 -2.85 -7.53 -21.85
CA LEU H 32 -2.04 -6.40 -22.31
C LEU H 32 -1.70 -6.51 -23.81
N ALA H 33 -1.74 -7.73 -24.30
CA ALA H 33 -1.37 -8.04 -25.71
C ALA H 33 -2.19 -7.20 -26.71
N GLY H 34 -1.41 -6.51 -27.57
CA GLY H 34 -2.02 -5.72 -28.63
C GLY H 34 -2.65 -4.40 -28.24
N GLN H 35 -2.57 -4.05 -26.95
CA GLN H 35 -3.14 -2.80 -26.46
C GLN H 35 -2.39 -1.63 -27.08
N LYS H 36 -3.06 -0.47 -27.16
CA LYS H 36 -2.43 0.73 -27.73
C LYS H 36 -1.18 1.05 -26.90
N GLU H 37 -0.08 1.30 -27.61
CA GLU H 37 1.19 1.59 -26.96
C GLU H 37 1.20 2.82 -26.06
N GLN H 38 0.66 3.93 -26.55
CA GLN H 38 0.60 5.16 -25.76
C GLN H 38 -0.24 4.97 -24.52
N TYR H 39 -1.30 4.17 -24.62
CA TYR H 39 -2.18 3.92 -23.47
C TYR H 39 -1.44 3.12 -22.40
N LEU H 40 -0.70 2.10 -22.82
CA LEU H 40 0.09 1.28 -21.90
C LEU H 40 1.07 2.19 -21.17
N VAL H 41 1.70 3.12 -21.89
CA VAL H 41 2.62 4.04 -21.26
C VAL H 41 1.85 4.92 -20.25
N ALA H 42 0.69 5.44 -20.66
CA ALA H 42 -0.12 6.28 -19.78
C ALA H 42 -0.57 5.52 -18.54
N ALA H 43 -0.99 4.27 -18.73
CA ALA H 43 -1.48 3.44 -17.62
C ALA H 43 -0.37 3.18 -16.61
N LEU H 44 0.79 2.73 -17.09
CA LEU H 44 1.94 2.47 -16.24
C LEU H 44 2.39 3.69 -15.44
N LYS H 45 2.42 4.85 -16.10
CA LYS H 45 2.80 6.09 -15.43
C LYS H 45 1.78 6.45 -14.36
N ALA H 46 0.51 6.12 -14.60
CA ALA H 46 -0.56 6.39 -13.65
C ALA H 46 -0.34 5.53 -12.37
N TYR H 47 -0.02 4.25 -12.56
CA TYR H 47 0.23 3.35 -11.42
C TYR H 47 1.47 3.81 -10.63
N LYS H 48 2.52 4.18 -11.37
CA LYS H 48 3.75 4.64 -10.75
C LYS H 48 3.56 5.92 -9.92
N ALA H 49 2.60 6.76 -10.33
CA ALA H 49 2.33 8.01 -9.63
C ALA H 49 1.23 7.85 -8.58
N GLY H 50 0.77 6.61 -8.36
CA GLY H 50 -0.28 6.38 -7.38
C GLY H 50 -1.59 7.02 -7.80
N GLN H 51 -1.85 7.05 -9.11
CA GLN H 51 -3.07 7.67 -9.63
C GLN H 51 -4.29 6.78 -9.85
N ARG H 52 -4.09 5.47 -9.73
CA ARG H 52 -5.22 4.54 -9.87
C ARG H 52 -5.48 3.89 -8.51
N GLN H 53 -6.73 4.00 -8.07
CA GLN H 53 -7.15 3.45 -6.80
C GLN H 53 -8.36 2.52 -7.03
N GLY H 54 -8.76 1.83 -5.97
CA GLY H 54 -9.89 0.92 -6.08
C GLY H 54 -9.51 -0.47 -6.58
N GLY H 55 -10.36 -1.45 -6.29
CA GLY H 55 -10.12 -2.82 -6.72
C GLY H 55 -8.72 -3.29 -6.40
N GLN H 56 -8.07 -3.90 -7.38
CA GLN H 56 -6.70 -4.40 -7.20
C GLN H 56 -5.63 -3.44 -7.70
N ALA H 57 -5.99 -2.15 -7.85
CA ALA H 57 -5.00 -1.16 -8.31
C ALA H 57 -3.75 -1.07 -7.41
N PRO H 58 -3.91 -1.14 -6.06
CA PRO H 58 -2.76 -1.09 -5.13
C PRO H 58 -1.75 -2.21 -5.47
N VAL H 59 -2.27 -3.37 -5.85
CA VAL H 59 -1.41 -4.50 -6.26
C VAL H 59 -0.52 -4.10 -7.46
N MET H 60 -1.13 -3.55 -8.51
CA MET H 60 -0.37 -3.13 -9.68
C MET H 60 0.52 -1.90 -9.39
N GLN H 61 0.07 -1.00 -8.54
CA GLN H 61 0.89 0.14 -8.17
C GLN H 61 2.22 -0.38 -7.59
N GLY H 62 2.15 -1.44 -6.79
CA GLY H 62 3.36 -2.01 -6.20
C GLY H 62 4.31 -2.59 -7.23
N GLN H 63 3.77 -2.92 -8.40
CA GLN H 63 4.56 -3.52 -9.47
C GLN H 63 5.11 -2.49 -10.44
N ALA H 64 4.69 -1.24 -10.31
CA ALA H 64 5.06 -0.16 -11.22
C ALA H 64 6.04 0.87 -10.69
N THR H 65 6.05 1.08 -9.37
CA THR H 65 6.92 2.08 -8.78
C THR H 65 8.43 1.91 -9.00
N ALA H 66 8.88 0.68 -9.28
CA ALA H 66 10.32 0.43 -9.51
C ALA H 66 10.70 0.47 -11.00
N LEU H 67 9.75 0.88 -11.85
CA LEU H 67 10.01 0.98 -13.27
C LEU H 67 10.47 2.38 -13.64
N SER H 68 11.56 2.46 -14.40
CA SER H 68 12.03 3.75 -14.86
C SER H 68 11.09 4.09 -16.04
N ASP H 69 11.16 5.32 -16.52
CA ASP H 69 10.32 5.72 -17.66
C ASP H 69 10.77 5.00 -18.94
N ALA H 70 12.05 4.62 -19.01
CA ALA H 70 12.55 3.88 -20.17
C ALA H 70 11.96 2.46 -20.09
N ASP H 71 11.88 1.90 -18.88
CA ASP H 71 11.32 0.57 -18.65
C ASP H 71 9.88 0.58 -19.17
N ILE H 72 9.13 1.60 -18.78
CA ILE H 72 7.75 1.77 -19.17
C ILE H 72 7.62 1.85 -20.70
N ALA H 73 8.45 2.67 -21.34
CA ALA H 73 8.43 2.80 -22.80
C ALA H 73 8.72 1.44 -23.45
N ASN H 74 9.69 0.72 -22.90
CA ASN H 74 10.08 -0.57 -23.44
C ASN H 74 8.99 -1.62 -23.32
N LEU H 75 8.38 -1.69 -22.13
CA LEU H 75 7.31 -2.65 -21.87
C LEU H 75 6.05 -2.37 -22.71
N ALA H 76 5.72 -1.10 -22.90
CA ALA H 76 4.56 -0.72 -23.70
C ALA H 76 4.78 -1.11 -25.17
N ALA H 77 5.98 -0.87 -25.68
CA ALA H 77 6.35 -1.19 -27.06
C ALA H 77 6.21 -2.70 -27.26
N TYR H 78 6.77 -3.45 -26.31
CA TYR H 78 6.71 -4.90 -26.34
C TYR H 78 5.27 -5.46 -26.32
N TYR H 79 4.46 -5.06 -25.34
CA TYR H 79 3.11 -5.58 -25.24
C TYR H 79 2.21 -5.17 -26.41
N ALA H 80 2.37 -3.93 -26.85
CA ALA H 80 1.61 -3.42 -27.98
C ALA H 80 1.94 -4.24 -29.23
N SER H 81 3.19 -4.73 -29.32
CA SER H 81 3.62 -5.51 -30.49
C SER H 81 3.08 -6.94 -30.54
N ASN H 82 2.64 -7.48 -29.40
CA ASN H 82 2.10 -8.83 -29.38
C ASN H 82 0.71 -8.86 -30.04
N PRO H 83 0.32 -9.99 -30.63
CA PRO H 83 -1.00 -10.12 -31.28
C PRO H 83 -2.04 -10.24 -30.16
N ALA H 84 -3.10 -9.43 -30.26
CA ALA H 84 -4.15 -9.42 -29.25
C ALA H 84 -4.78 -10.80 -29.01
N ALA H 85 -4.63 -11.70 -29.97
CA ALA H 85 -5.21 -13.05 -29.89
C ALA H 85 -4.26 -14.15 -29.43
N ALA H 86 -2.95 -13.87 -29.47
CA ALA H 86 -1.89 -14.82 -29.09
C ALA H 86 -1.53 -15.76 -30.23
FE HEC I . 10.99 9.05 5.88
CHA HEC I . 11.37 6.63 8.22
CHB HEC I . 14.33 8.90 5.21
CHC HEC I . 10.52 11.28 3.33
CHD HEC I . 7.79 9.50 6.90
NA HEC I . 12.53 7.93 6.53
C1A HEC I . 12.49 6.95 7.47
C2A HEC I . 13.81 6.40 7.66
C3A HEC I . 14.67 7.02 6.81
C4A HEC I . 13.86 8.02 6.15
CMA HEC I . 16.19 6.76 6.59
CAA HEC I . 14.12 5.31 8.67
CBA HEC I . 14.86 5.97 9.81
CGA HEC I . 15.30 5.00 10.90
O1A HEC I . 15.55 5.50 12.02
O2A HEC I . 15.39 3.78 10.66
NB HEC I . 12.18 9.87 4.56
C1B HEC I . 13.55 9.75 4.44
C2B HEC I . 14.03 10.46 3.28
C3B HEC I . 12.94 11.02 2.66
C4B HEC I . 11.79 10.69 3.47
CMB HEC I . 15.51 10.63 2.91
CAB HEC I . 12.86 11.93 1.44
CBB HEC I . 13.41 11.43 0.14
NC HEC I . 9.49 10.20 5.30
C1C HEC I . 9.46 11.08 4.23
C2C HEC I . 8.19 11.77 4.17
C3C HEC I . 7.43 11.25 5.20
C4C HEC I . 8.24 10.29 5.85
CMC HEC I . 7.90 12.93 3.21
CAC HEC I . 6.13 11.79 5.75
CBC HEC I . 4.90 11.83 4.87
ND HEC I . 9.82 8.19 7.19
C1D HEC I . 8.49 8.49 7.50
C2D HEC I . 7.95 7.59 8.50
C3D HEC I . 8.96 6.82 8.90
C4D HEC I . 10.12 7.19 8.10
CMD HEC I . 6.45 7.31 8.72
CAD HEC I . 8.88 5.61 9.85
CBD HEC I . 8.64 4.32 9.08
CGD HEC I . 8.62 3.11 9.97
O1D HEC I . 7.89 3.12 10.97
O2D HEC I . 9.38 2.13 9.69
FE HEC J . 19.21 -2.92 17.94
CHA HEC J . 18.15 -1.52 15.03
CHB HEC J . 16.81 -1.22 19.70
CHC HEC J . 20.01 -4.65 20.77
CHD HEC J . 21.83 -4.36 16.29
NA HEC J . 17.84 -1.61 17.51
C1A HEC J . 17.56 -1.11 16.22
C2A HEC J . 16.46 -0.18 16.29
C3A HEC J . 16.03 -0.13 17.58
C4A HEC J . 16.91 -1.03 18.34
CMA HEC J . 14.90 0.74 18.17
CAA HEC J . 15.91 0.62 15.14
CBA HEC J . 16.63 1.95 15.04
CGA HEC J . 16.01 2.86 14.01
O1A HEC J . 16.50 4.00 13.87
O2A HEC J . 15.05 2.44 13.34
NB HEC J . 18.54 -2.90 19.81
C1B HEC J . 17.58 -2.11 20.38
C2B HEC J . 17.38 -2.45 21.76
C3B HEC J . 18.19 -3.51 22.03
C4B HEC J . 18.95 -3.74 20.84
CMB HEC J . 16.51 -1.63 22.72
CAB HEC J . 18.39 -4.22 23.37
CBB HEC J . 17.16 -4.77 24.09
NC HEC J . 20.61 -4.23 18.42
C1C HEC J . 20.78 -4.87 19.66
C2C HEC J . 22.00 -5.65 19.69
C3C HEC J . 22.55 -5.51 18.42
C4C HEC J . 21.67 -4.64 17.65
CMC HEC J . 22.60 -6.33 20.94
CAC HEC J . 23.90 -5.98 17.94
CBC HEC J . 24.34 -7.44 17.98
ND HEC J . 19.81 -3.00 16.03
C1D HEC J . 20.96 -3.64 15.52
C2D HEC J . 21.01 -3.53 14.09
C3D HEC J . 19.97 -2.70 13.73
C4D HEC J . 19.22 -2.38 14.93
CMD HEC J . 21.94 -4.31 13.13
CAD HEC J . 19.62 -2.27 12.30
CBD HEC J . 18.71 -3.34 11.72
CGD HEC J . 18.04 -2.89 10.42
O1D HEC J . 18.78 -2.67 9.43
O2D HEC J . 16.80 -2.75 10.39
FE HEC K . -4.01 -15.88 -1.61
CHA HEC K . -1.05 -17.31 -0.82
CHB HEC K . -5.46 -17.49 1.13
CHC HEC K . -6.88 -14.22 -2.18
CHD HEC K . -2.64 -14.44 -4.39
NA HEC K . -3.40 -17.09 -0.12
C1A HEC K . -2.10 -17.58 0.03
C2A HEC K . -2.01 -18.42 1.19
C3A HEC K . -3.24 -18.47 1.76
C4A HEC K . -4.11 -17.64 0.92
CMA HEC K . -3.69 -19.23 3.00
CAA HEC K . -0.74 -19.14 1.60
CBA HEC K . -0.91 -20.59 1.23
CGA HEC K . 0.27 -21.44 1.62
O1A HEC K . 0.38 -22.56 1.08
O2A HEC K . 1.07 -20.98 2.48
NB HEC K . -5.76 -15.87 -0.73
C1B HEC K . -6.24 -16.64 0.35
C2B HEC K . -7.62 -16.26 0.69
C3B HEC K . -7.95 -15.23 -0.16
C4B HEC K . -6.83 -15.04 -1.06
CMB HEC K . -8.48 -16.99 1.69
CAB HEC K . -9.30 -14.53 -0.34
CBB HEC K . -9.99 -13.81 0.81
NC HEC K . -4.66 -14.64 -3.01
C1C HEC K . -5.90 -14.07 -3.12
C2C HEC K . -6.03 -13.35 -4.34
C3C HEC K . -4.82 -13.41 -4.96
C4C HEC K . -3.98 -14.20 -4.11
CMC HEC K . -7.33 -12.68 -4.83
CAC HEC K . -4.42 -12.91 -6.35
CBC HEC K . -4.72 -11.47 -6.72
ND HEC K . -2.23 -15.86 -2.41
C1D HEC K . -1.82 -15.23 -3.58
C2D HEC K . -0.40 -15.39 -3.82
C3D HEC K . 0.03 -16.19 -2.80
C4D HEC K . -1.10 -16.50 -1.95
CMD HEC K . 0.46 -14.63 -4.86
CAD HEC K . 1.47 -16.63 -2.51
CBD HEC K . 2.27 -15.54 -1.83
CGD HEC K . 3.66 -16.00 -1.45
O1D HEC K . 4.48 -16.20 -2.38
O2D HEC K . 3.93 -16.14 -0.23
FE HEC L . 8.89 -27.48 5.97
CHA HEC L . 6.49 -25.06 5.62
CHB HEC L . 9.22 -27.65 2.56
CHC HEC L . 11.52 -29.57 6.38
CHD HEC L . 8.20 -27.65 9.35
NA HEC L . 8.08 -26.47 4.44
C1A HEC L . 7.12 -25.49 4.49
C2A HEC L . 6.80 -25.10 3.13
C3A HEC L . 7.55 -25.79 2.26
C4A HEC L . 8.34 -26.69 3.08
CMA HEC L . 7.55 -25.67 0.73
CAA HEC L . 5.75 -24.09 2.72
CBA HEC L . 4.40 -24.73 2.48
CGA HEC L . 3.38 -23.74 1.91
O1A HEC L . 2.22 -24.16 1.70
O2A HEC L . 3.72 -22.57 1.66
NB HEC L . 10.10 -28.40 4.77
C1B HEC L . 10.04 -28.46 3.37
C2B HEC L . 11.09 -29.28 2.83
C3B HEC L . 11.83 -29.69 3.88
C4B HEC L . 11.21 -29.19 5.10
CMB HEC L . 11.29 -29.51 1.30
CAB HEC L . 13.04 -30.56 3.83
CBB HEC L . 14.22 -30.21 2.96
NC HEC L . 9.63 -28.47 7.51
C1C HEC L . 10.72 -29.28 7.48
C2C HEC L . 10.93 -29.91 8.79
C3C HEC L . 9.98 -29.34 9.61
C4C HEC L . 9.20 -28.45 8.83
CMC HEC L . 11.92 -31.07 9.03
CAC HEC L . 9.62 -29.75 11.02
CBC HEC L . 10.80 -29.81 11.99
ND HEC L . 7.63 -26.53 7.23
C1D HEC L . 7.52 -26.66 8.60
C2D HEC L . 6.62 -25.64 9.17
C3D HEC L . 6.11 -24.99 8.12
C4D HEC L . 6.72 -25.54 6.92
CMD HEC L . 6.32 -25.36 10.67
CAD HEC L . 5.16 -23.75 8.15
CBD HEC L . 5.94 -22.46 8.45
CGD HEC L . 5.11 -21.22 8.22
O1D HEC L . 4.19 -20.98 9.01
O2D HEC L . 5.35 -20.50 7.23
FE HEC M . -5.29 12.79 8.86
CHA HEC M . -6.18 15.02 6.41
CHB HEC M . -8.56 12.77 9.94
CHC HEC M . -4.55 10.44 11.14
CHD HEC M . -2.03 13.06 7.99
NA HEC M . -7.02 13.61 8.26
C1A HEC M . -7.18 14.49 7.20
C2A HEC M . -8.58 14.88 7.07
C3A HEC M . -9.28 14.27 8.09
C4A HEC M . -8.28 13.49 8.80
CMA HEC M . -10.78 14.32 8.42
CAA HEC M . -9.05 15.93 6.03
CBA HEC M . -9.28 17.25 6.78
CGA HEC M . -9.90 18.32 5.91
O1A HEC M . -9.94 19.49 6.36
O2A HEC M . -10.35 18.01 4.79
NB HEC M . -6.34 11.84 10.25
C1B HEC M . -7.66 11.99 10.63
C2B HEC M . -8.06 11.00 11.58
C3B HEC M . -6.93 10.24 11.80
C4B HEC M . -5.88 10.80 11.02
CMB HEC M . -9.45 10.82 12.18
CAB HEC M . -6.71 9.08 12.77
CBB HEC M . -7.64 7.86 12.78
NC HEC M . -3.63 11.97 9.46
C1C HEC M . -3.52 11.01 10.47
C2C HEC M . -2.12 10.66 10.67
C3C HEC M . -1.42 11.42 9.73
C4C HEC M . -2.36 12.20 9.01
CMC HEC M . -1.58 9.79 11.81
CAC HEC M . 0.08 11.60 9.65
CBC HEC M . 0.90 10.33 9.65
ND HEC M . -4.31 13.80 7.49
C1D HEC M . -2.96 13.79 7.24
C2D HEC M . -2.60 14.61 6.09
C3D HEC M . -3.77 15.18 5.65
C4D HEC M . -4.84 14.68 6.53
CMD HEC M . -1.22 14.80 5.49
CAD HEC M . -3.98 16.07 4.41
CBD HEC M . -4.17 15.19 3.17
CGD HEC M . -4.55 16.00 1.92
O1D HEC M . -3.71 16.77 1.41
O2D HEC M . -5.70 15.88 1.43
C1 GOL N . -22.26 19.99 13.16
O1 GOL N . -21.11 20.90 12.83
C2 GOL N . -23.61 21.07 13.01
O2 GOL N . -24.85 20.51 13.24
C3 GOL N . -23.42 22.22 11.93
O3 GOL N . -23.46 22.29 10.55
FE HEC O . -15.48 25.30 -1.09
CHA HEC O . -14.33 22.43 0.32
CHB HEC O . -12.49 26.77 -0.53
CHC HEC O . -16.49 27.99 -2.91
CHD HEC O . -18.65 23.97 -1.40
NA HEC O . -13.74 24.74 -0.30
C1A HEC O . -13.44 23.49 0.22
C2A HEC O . -12.13 23.51 0.77
C3A HEC O . -11.59 24.73 0.57
C4A HEC O . -12.63 25.48 -0.11
CMA HEC O . -10.17 25.24 0.95
CAA HEC O . -11.45 22.31 1.49
CBA HEC O . -11.48 22.53 2.99
CGA HEC O . -10.77 21.43 3.76
O1A HEC O . -10.98 21.37 5.00
O2A HEC O . -10.02 20.63 3.14
NB HEC O . -14.70 27.01 -1.61
C1B HEC O . -13.45 27.51 -1.20
C2B HEC O . -13.18 28.79 -1.75
C3B HEC O . -14.27 29.09 -2.57
C4B HEC O . -15.21 27.97 -2.45
CMB HEC O . -11.94 29.61 -1.49
CAB HEC O . -14.48 30.34 -3.37
CBB HEC O . -13.42 30.74 -4.39
NC HEC O . -17.22 25.90 -1.86
C1C HEC O . -17.44 27.06 -2.58
C2C HEC O . -18.83 27.22 -2.89
C3C HEC O . -19.42 26.09 -2.44
C4C HEC O . -18.42 25.28 -1.83
CMC HEC O . -19.46 28.44 -3.58
CAC HEC O . -20.92 25.82 -2.36
CBC HEC O . -21.81 25.86 -3.60
ND HEC O . -16.31 23.58 -0.67
C1D HEC O . -17.64 23.19 -0.86
C2D HEC O . -17.82 21.80 -0.50
C3D HEC O . -16.63 21.34 -0.02
C4D HEC O . -15.67 22.47 -0.10
CMD HEC O . -19.10 21.02 -0.79
CAD HEC O . -16.28 19.95 0.40
CBD HEC O . -15.79 19.13 -0.80
CGD HEC O . -15.26 17.77 -0.40
O1D HEC O . -16.03 16.98 0.20
O2D HEC O . -14.07 17.47 -0.69
C1 GOL P . -17.08 12.13 -7.89
O1 GOL P . -15.79 12.12 -7.28
C2 GOL P . -17.48 10.68 -8.27
O2 GOL P . -18.76 10.63 -8.89
C3 GOL P . -17.53 9.73 -7.06
O3 GOL P . -18.42 10.16 -6.05
C1 GOL Q . -16.12 25.19 -16.30
O1 GOL Q . -14.71 25.32 -16.70
C2 GOL Q . -16.29 23.96 -15.22
O2 GOL Q . -17.50 23.98 -14.70
C3 GOL Q . -15.45 23.97 -13.97
O3 GOL Q . -14.93 22.72 -13.41
FE HEC R . -13.90 4.59 -22.06
CHA HEC R . -10.97 3.87 -20.48
CHB HEC R . -15.26 1.61 -20.95
CHC HEC R . -16.96 5.50 -23.32
CHD HEC R . -12.50 7.33 -23.50
NA HEC R . -13.28 3.09 -20.91
C1A HEC R . -12.02 2.95 -20.35
C2A HEC R . -11.92 1.68 -19.69
C3A HEC R . -13.10 1.03 -19.80
C4A HEC R . -13.95 1.92 -20.56
CMA HEC R . -13.54 -0.36 -19.33
CAA HEC R . -10.63 1.21 -19.07
CBA HEC R . -9.97 0.21 -20.00
CGA HEC R . -8.70 -0.39 -19.41
O1A HEC R . -7.99 -1.06 -20.19
O2A HEC R . -8.44 -0.22 -18.20
NB HEC R . -15.68 3.74 -22.15
C1B HEC R . -16.05 2.49 -21.67
C2B HEC R . -17.45 2.26 -21.83
C3B HEC R . -17.95 3.41 -22.37
C4B HEC R . -16.85 4.29 -22.62
CMB HEC R . -18.14 0.92 -21.53
CAB HEC R . -19.36 3.69 -22.81
CBB HEC R . -20.54 3.48 -21.82
NC HEC R . -14.59 6.06 -23.18
C1C HEC R . -15.87 6.28 -23.63
C2C HEC R . -15.95 7.42 -24.53
C3C HEC R . -14.68 7.91 -24.56
C4C HEC R . -13.83 7.07 -23.75
CMC HEC R . -17.20 7.87 -25.31
CAC HEC R . -14.13 8.98 -25.47
CBC HEC R . -14.89 10.31 -25.47
ND HEC R . -12.11 5.38 -22.03
C1D HEC R . -11.69 6.58 -22.64
C2D HEC R . -10.35 6.99 -22.18
C3D HEC R . -9.95 5.99 -21.38
C4D HEC R . -11.01 4.99 -21.30
CMD HEC R . -9.53 8.20 -22.54
CAD HEC R . -8.59 5.89 -20.69
CBD HEC R . -8.57 6.61 -19.35
CGD HEC R . -7.27 6.40 -18.61
O1D HEC R . -6.22 6.89 -19.08
O2D HEC R . -7.29 5.73 -17.53
FE HEC S . 0.05 -5.23 -14.16
CHA HEC S . -2.90 -3.59 -14.59
CHB HEC S . 1.37 -3.57 -16.77
CHC HEC S . 3.01 -6.60 -13.40
CHD HEC S . -1.41 -7.22 -11.77
NA HEC S . -0.64 -3.87 -15.41
C1A HEC S . -1.90 -3.30 -15.47
C2A HEC S . -1.93 -2.36 -16.57
C3A HEC S . -0.72 -2.31 -17.18
C4A HEC S . 0.06 -3.29 -16.46
CMA HEC S . -0.30 -1.62 -18.49
CAA HEC S . -3.12 -1.61 -17.06
CBA HEC S . -3.86 -2.36 -18.14
CGA HEC S . -5.07 -1.62 -18.64
O1A HEC S . -5.81 -2.19 -19.48
O2A HEC S . -5.28 -0.45 -18.20
NB HEC S . 1.80 -5.16 -14.94
C1B HEC S . 2.19 -4.47 -16.07
C2B HEC S . 3.59 -4.60 -16.33
C3B HEC S . 4.09 -5.35 -15.26
C4B HEC S . 2.96 -5.72 -14.45
CMB HEC S . 4.33 -4.13 -17.61
CAB HEC S . 5.54 -5.78 -15.10
CBB HEC S . 6.66 -4.75 -15.10
NC HEC S . 0.65 -6.71 -12.96
C1C HEC S . 1.95 -7.14 -12.77
C2C HEC S . 2.04 -8.19 -11.83
C3C HEC S . 0.75 -8.37 -11.36
C4C HEC S . -0.08 -7.43 -12.07
CMC HEC S . 3.30 -8.99 -11.50
CAC HEC S . 0.25 -9.50 -10.48
CBC HEC S . 0.99 -9.70 -9.17
ND HEC S . -1.68 -5.30 -13.25
C1D HEC S . -2.14 -6.19 -12.28
C2D HEC S . -3.55 -5.87 -11.85
C3D HEC S . -3.97 -4.87 -12.66
C4D HEC S . -2.83 -4.50 -13.52
CMD HEC S . -4.26 -6.50 -10.65
CAD HEC S . -5.24 -4.03 -12.61
CBD HEC S . -5.24 -2.97 -11.52
CGD HEC S . -6.46 -2.07 -11.57
O1D HEC S . -7.56 -2.54 -11.20
O2D HEC S . -6.35 -0.89 -11.96
#